data_7YWP
#
_entry.id   7YWP
#
_cell.length_a   75.529
_cell.length_b   89.660
_cell.length_c   108.650
_cell.angle_alpha   90.000
_cell.angle_beta   90.000
_cell.angle_gamma   90.000
#
_symmetry.space_group_name_H-M   'P 21 21 21'
#
loop_
_entity.id
_entity.type
_entity.pdbx_description
1 polymer 'Oligopeptidase B'
2 non-polymer N-[(1S)-5-amino-1-(chloroacetyl)pentyl]-4-methylbenzenesulfonamide
3 water water
#
_entity_poly.entity_id   1
_entity_poly.type   'polypeptide(L)'
_entity_poly.pdbx_seq_one_letter_code
;MTPPKAEKRPYPITTHGDTRVDDYYWLRDDERTDPQVLDYLQAENAFTDAALKPQQALRETLYEEMVARIPQQEHSVPYV
RHGYRYQTRFEPGNEYAIYVRQPQAESEHWDTLIDGNQRAEQREFYTLGGLEVSPDNQKLAVAEDFLSRRQYDIRFKNLS
DDSWTDEVLENTSGSFEWANDSATVYYVRKHAKTLLPYQVYRHVVGTDPQLDELIYEEQDDTFYVGLEKTTSDRFILIHL
SSTTTSEILLLDADRADSTPQMFVPRRKDHEYGIDHYHQHFYIRSNKDGKNFGLYQSEQADEAQWQTLIAPRIEVMLEGF
SLFRDWLVVEERSEGLTQLRQIHWQSGEVKRIAFDDPTYTTWLAYNPEPETELLRYGYSSMTTPTTLYELNLDSDERVML
KQQEVKNFTPENYRSERVWVKARDGVEVPVSLVYRHDSFARGTNPLMVYGYGSYGSSMDPAFSASRLSLLDRGFVFVLAH
IRGGGELGQLWYEDGKLFKKQNTFNDFIDVTEALIAQGYGDAKRVFAMGGSAGGLLMGAVINQAPELFNGIVAQVPFVDV
VTTMLDESIPLTTGEYDEWGNPNQQAYYDYILQYSPYDQVKAQDYPHMLVTTGLHDSQVQYWEPAKWVAKLRELKTDDRQ
LLLYTDMDSGHGGKSGRFKAYEDIALEYAFILALAE
;
_entity_poly.pdbx_strand_id   A
#
# COMPACT_ATOMS: atom_id res chain seq x y z
N MET A 1 -16.51 -31.63 5.98
CA MET A 1 -16.94 -32.54 7.07
C MET A 1 -16.24 -32.15 8.38
N THR A 2 -16.89 -31.29 9.18
CA THR A 2 -16.52 -30.92 10.57
C THR A 2 -15.28 -30.02 10.57
N PRO A 3 -15.43 -28.70 10.82
CA PRO A 3 -14.27 -27.80 10.87
C PRO A 3 -13.43 -28.04 12.12
N PRO A 4 -12.15 -27.66 12.11
CA PRO A 4 -11.30 -27.79 13.29
C PRO A 4 -11.78 -26.89 14.42
N LYS A 5 -11.58 -27.34 15.66
CA LYS A 5 -12.02 -26.64 16.90
C LYS A 5 -10.77 -26.23 17.68
N ALA A 6 -10.36 -24.98 17.56
CA ALA A 6 -9.20 -24.42 18.30
C ALA A 6 -9.27 -24.85 19.77
N GLU A 7 -8.13 -25.20 20.36
CA GLU A 7 -7.99 -25.40 21.83
C GLU A 7 -8.43 -24.09 22.47
N LYS A 8 -9.09 -24.15 23.63
CA LYS A 8 -9.45 -22.98 24.46
C LYS A 8 -8.50 -22.96 25.66
N ARG A 9 -7.74 -21.88 25.82
CA ARG A 9 -6.88 -21.67 27.01
C ARG A 9 -7.17 -20.27 27.52
N PRO A 10 -8.18 -20.11 28.40
CA PRO A 10 -8.57 -18.79 28.90
C PRO A 10 -7.39 -17.90 29.32
N TYR A 11 -7.22 -16.75 28.68
CA TYR A 11 -6.14 -15.79 28.99
C TYR A 11 -6.78 -14.44 29.32
N PRO A 12 -6.78 -14.02 30.61
CA PRO A 12 -7.37 -12.74 31.01
C PRO A 12 -6.48 -11.53 30.68
N ILE A 13 -7.09 -10.43 30.27
CA ILE A 13 -6.38 -9.13 30.05
C ILE A 13 -7.23 -8.06 30.75
N THR A 14 -6.64 -7.39 31.74
CA THR A 14 -7.26 -6.38 32.63
C THR A 14 -6.67 -4.99 32.34
N THR A 15 -7.52 -4.03 32.01
CA THR A 15 -7.18 -2.61 31.76
C THR A 15 -8.39 -1.82 32.23
N HIS A 16 -8.21 -0.74 33.02
CA HIS A 16 -9.31 0.13 33.50
C HIS A 16 -10.43 -0.73 34.12
N GLY A 17 -10.05 -1.74 34.91
CA GLY A 17 -10.97 -2.63 35.65
C GLY A 17 -11.71 -3.63 34.77
N ASP A 18 -11.68 -3.46 33.43
CA ASP A 18 -12.34 -4.40 32.48
C ASP A 18 -11.39 -5.58 32.22
N THR A 19 -11.80 -6.78 32.61
CA THR A 19 -11.11 -8.07 32.31
C THR A 19 -11.79 -8.70 31.09
N ARG A 20 -11.05 -8.83 29.98
CA ARG A 20 -11.47 -9.60 28.79
C ARG A 20 -10.80 -10.97 28.86
N VAL A 21 -11.53 -12.02 28.48
CA VAL A 21 -10.98 -13.40 28.45
C VAL A 21 -10.76 -13.78 26.98
N ASP A 22 -9.49 -13.94 26.61
CA ASP A 22 -9.02 -14.41 25.28
C ASP A 22 -8.69 -15.92 25.38
N ASP A 23 -9.60 -16.76 24.92
CA ASP A 23 -9.42 -18.25 24.92
C ASP A 23 -8.34 -18.67 23.91
N TYR A 24 -7.99 -17.81 22.93
CA TYR A 24 -7.20 -18.21 21.75
C TYR A 24 -5.90 -17.41 21.68
N TYR A 25 -5.52 -16.77 22.78
CA TYR A 25 -4.32 -15.89 22.89
C TYR A 25 -3.04 -16.68 22.60
N TRP A 26 -3.05 -17.98 22.90
CA TRP A 26 -1.91 -18.91 22.74
C TRP A 26 -1.52 -19.07 21.26
N LEU A 27 -2.44 -18.78 20.31
CA LEU A 27 -2.21 -18.84 18.83
C LEU A 27 -1.05 -17.92 18.46
N ARG A 28 -0.81 -16.87 19.24
CA ARG A 28 0.39 -16.04 19.08
C ARG A 28 1.63 -16.82 19.52
N ASP A 29 2.68 -16.81 18.70
CA ASP A 29 4.05 -17.29 18.98
C ASP A 29 5.04 -16.32 18.34
N ASP A 30 6.06 -15.85 19.04
CA ASP A 30 6.83 -14.69 18.56
C ASP A 30 7.94 -15.10 17.58
N GLU A 31 8.35 -16.38 17.53
CA GLU A 31 9.28 -16.87 16.48
C GLU A 31 8.54 -17.77 15.47
N ARG A 32 7.57 -18.57 15.95
CA ARG A 32 7.06 -19.83 15.34
C ARG A 32 7.89 -20.97 15.95
N THR A 33 7.56 -21.30 17.21
CA THR A 33 8.28 -22.26 18.10
C THR A 33 7.26 -23.06 18.93
N ASP A 34 6.03 -23.20 18.43
CA ASP A 34 4.96 -23.98 19.09
C ASP A 34 4.25 -24.83 18.04
N PRO A 35 4.57 -26.14 17.94
CA PRO A 35 3.82 -27.09 17.13
C PRO A 35 2.29 -27.02 17.19
N GLN A 36 1.73 -26.66 18.35
CA GLN A 36 0.25 -26.49 18.58
C GLN A 36 -0.31 -25.46 17.56
N VAL A 37 0.41 -24.38 17.29
CA VAL A 37 -0.03 -23.26 16.40
C VAL A 37 -0.10 -23.79 14.97
N LEU A 38 1.02 -24.27 14.42
CA LEU A 38 1.11 -24.81 13.05
C LEU A 38 0.01 -25.84 12.82
N ASP A 39 -0.18 -26.73 13.80
CA ASP A 39 -1.18 -27.82 13.69
C ASP A 39 -2.56 -27.21 13.47
N TYR A 40 -2.90 -26.16 14.21
CA TYR A 40 -4.19 -25.46 14.01
C TYR A 40 -4.26 -24.88 12.59
N LEU A 41 -3.25 -24.10 12.20
CA LEU A 41 -3.18 -23.40 10.89
C LEU A 41 -3.21 -24.42 9.74
N GLN A 42 -2.53 -25.56 9.92
CA GLN A 42 -2.49 -26.69 8.96
C GLN A 42 -3.89 -27.33 8.84
N ALA A 43 -4.55 -27.58 9.97
CA ALA A 43 -5.89 -28.18 10.02
C ALA A 43 -6.92 -27.25 9.35
N GLU A 44 -6.83 -25.93 9.57
CA GLU A 44 -7.76 -24.98 8.87
C GLU A 44 -7.53 -25.02 7.36
N ASN A 45 -6.28 -25.11 6.92
CA ASN A 45 -5.92 -25.19 5.48
C ASN A 45 -6.48 -26.48 4.86
N ALA A 46 -6.42 -27.60 5.58
CA ALA A 46 -6.98 -28.91 5.14
C ALA A 46 -8.50 -28.77 5.01
N PHE A 47 -9.17 -28.10 5.96
CA PHE A 47 -10.64 -27.90 5.90
C PHE A 47 -10.98 -27.02 4.68
N THR A 48 -10.18 -25.97 4.45
CA THR A 48 -10.37 -25.06 3.29
C THR A 48 -10.13 -25.81 1.97
N ASP A 49 -9.04 -26.59 1.89
CA ASP A 49 -8.74 -27.49 0.74
C ASP A 49 -9.95 -28.37 0.41
N ALA A 50 -10.43 -29.09 1.42
CA ALA A 50 -11.55 -30.05 1.32
C ALA A 50 -12.81 -29.31 0.87
N ALA A 51 -13.12 -28.18 1.51
CA ALA A 51 -14.36 -27.37 1.32
C ALA A 51 -14.40 -26.69 -0.05
N LEU A 52 -13.26 -26.33 -0.62
CA LEU A 52 -13.17 -25.57 -1.89
C LEU A 52 -12.79 -26.49 -3.05
N LYS A 53 -12.66 -27.81 -2.82
CA LYS A 53 -12.33 -28.80 -3.88
C LYS A 53 -13.36 -28.72 -5.02
N PRO A 54 -14.68 -28.62 -4.73
CA PRO A 54 -15.69 -28.45 -5.77
C PRO A 54 -15.35 -27.42 -6.87
N GLN A 55 -14.77 -26.29 -6.47
CA GLN A 55 -14.48 -25.13 -7.35
C GLN A 55 -13.14 -25.30 -8.07
N GLN A 56 -12.43 -26.40 -7.83
CA GLN A 56 -11.13 -26.77 -8.46
C GLN A 56 -11.11 -26.32 -9.92
N ALA A 57 -12.14 -26.66 -10.71
CA ALA A 57 -12.22 -26.39 -12.16
C ALA A 57 -12.28 -24.88 -12.39
N LEU A 58 -13.16 -24.21 -11.62
CA LEU A 58 -13.53 -22.78 -11.82
C LEU A 58 -12.30 -21.92 -11.47
N ARG A 59 -11.56 -22.29 -10.45
CA ARG A 59 -10.28 -21.63 -10.09
C ARG A 59 -9.34 -21.71 -11.28
N GLU A 60 -9.11 -22.91 -11.81
CA GLU A 60 -8.10 -23.09 -12.89
C GLU A 60 -8.62 -22.39 -14.15
N THR A 61 -9.94 -22.30 -14.34
CA THR A 61 -10.58 -21.52 -15.44
C THR A 61 -10.24 -20.04 -15.27
N LEU A 62 -10.45 -19.52 -14.07
CA LEU A 62 -10.20 -18.08 -13.76
C LEU A 62 -8.69 -17.81 -13.82
N TYR A 63 -7.86 -18.66 -13.19
CA TYR A 63 -6.38 -18.48 -13.24
C TYR A 63 -5.97 -18.33 -14.69
N GLU A 64 -6.40 -19.28 -15.52
CA GLU A 64 -5.98 -19.40 -16.94
C GLU A 64 -6.49 -18.16 -17.68
N GLU A 65 -7.69 -17.72 -17.32
CA GLU A 65 -8.37 -16.55 -17.90
C GLU A 65 -7.60 -15.26 -17.57
N MET A 66 -7.19 -15.09 -16.32
CA MET A 66 -6.50 -13.87 -15.82
C MET A 66 -5.11 -13.78 -16.47
N VAL A 67 -4.40 -14.91 -16.56
CA VAL A 67 -3.05 -15.04 -17.18
C VAL A 67 -3.16 -14.73 -18.69
N ALA A 68 -4.22 -15.19 -19.34
CA ALA A 68 -4.45 -14.97 -20.79
C ALA A 68 -4.57 -13.48 -21.11
N ARG A 69 -4.89 -12.61 -20.14
CA ARG A 69 -5.00 -11.15 -20.41
C ARG A 69 -3.61 -10.47 -20.52
N ILE A 70 -2.56 -11.08 -19.97
CA ILE A 70 -1.26 -10.39 -19.72
C ILE A 70 -0.34 -10.66 -20.91
N PRO A 71 0.25 -9.62 -21.51
CA PRO A 71 1.30 -9.82 -22.49
C PRO A 71 2.44 -10.63 -21.85
N GLN A 72 2.84 -11.75 -22.48
CA GLN A 72 3.89 -12.65 -21.96
C GLN A 72 5.25 -11.95 -21.98
N GLN A 73 5.48 -11.11 -22.98
CA GLN A 73 6.62 -10.17 -23.05
C GLN A 73 6.09 -8.78 -22.70
N GLU A 74 6.76 -8.11 -21.78
CA GLU A 74 6.32 -6.81 -21.20
C GLU A 74 7.60 -6.00 -20.94
N HIS A 75 7.85 -4.99 -21.77
CA HIS A 75 9.05 -4.14 -21.75
C HIS A 75 8.62 -2.74 -21.31
N SER A 76 9.30 -2.13 -20.32
CA SER A 76 9.03 -0.73 -19.90
C SER A 76 9.51 0.24 -20.99
N VAL A 77 8.95 1.45 -21.00
CA VAL A 77 9.51 2.55 -21.82
C VAL A 77 10.86 2.94 -21.21
N PRO A 78 11.98 2.93 -21.96
CA PRO A 78 13.28 3.25 -21.38
C PRO A 78 13.37 4.70 -20.88
N TYR A 79 14.27 4.93 -19.93
CA TYR A 79 14.68 6.29 -19.49
C TYR A 79 16.20 6.33 -19.40
N VAL A 80 16.74 7.54 -19.37
CA VAL A 80 18.21 7.78 -19.29
C VAL A 80 18.48 8.47 -17.93
N ARG A 81 19.44 7.96 -17.15
CA ARG A 81 19.88 8.59 -15.87
C ARG A 81 21.39 8.45 -15.77
N HIS A 82 22.11 9.57 -15.64
CA HIS A 82 23.60 9.67 -15.49
C HIS A 82 24.28 8.82 -16.58
N GLY A 83 23.95 9.04 -17.85
CA GLY A 83 24.70 8.48 -19.00
C GLY A 83 24.30 7.08 -19.42
N TYR A 84 23.30 6.48 -18.77
CA TYR A 84 22.81 5.12 -19.06
C TYR A 84 21.29 5.11 -19.29
N ARG A 85 20.88 4.25 -20.23
CA ARG A 85 19.46 3.97 -20.57
C ARG A 85 19.05 2.73 -19.79
N TYR A 86 17.89 2.77 -19.14
CA TYR A 86 17.40 1.69 -18.26
C TYR A 86 16.09 1.15 -18.83
N GLN A 87 15.93 -0.17 -18.77
CA GLN A 87 14.64 -0.81 -19.11
C GLN A 87 14.40 -1.99 -18.17
N THR A 88 13.13 -2.28 -17.93
CA THR A 88 12.62 -3.40 -17.10
C THR A 88 11.89 -4.38 -18.02
N ARG A 89 12.16 -5.67 -17.94
CA ARG A 89 11.60 -6.63 -18.91
C ARG A 89 10.98 -7.83 -18.23
N PHE A 90 9.78 -8.21 -18.66
CA PHE A 90 9.35 -9.61 -18.51
C PHE A 90 9.38 -10.32 -19.87
N GLU A 91 9.77 -11.59 -19.82
CA GLU A 91 9.86 -12.49 -20.98
C GLU A 91 8.86 -13.59 -20.67
N PRO A 92 8.45 -14.37 -21.70
CA PRO A 92 7.37 -15.34 -21.53
C PRO A 92 7.67 -16.29 -20.37
N GLY A 93 6.67 -16.52 -19.53
CA GLY A 93 6.71 -17.43 -18.38
C GLY A 93 7.41 -16.83 -17.16
N ASN A 94 8.06 -15.66 -17.27
CA ASN A 94 8.85 -15.05 -16.15
C ASN A 94 7.89 -14.55 -15.07
N GLU A 95 8.13 -14.92 -13.81
CA GLU A 95 7.38 -14.42 -12.62
C GLU A 95 7.89 -13.05 -12.17
N TYR A 96 9.17 -12.74 -12.41
CA TYR A 96 9.89 -11.54 -11.91
C TYR A 96 10.55 -10.78 -13.06
N ALA A 97 10.70 -9.46 -12.88
CA ALA A 97 11.35 -8.55 -13.84
C ALA A 97 12.86 -8.82 -13.93
N ILE A 98 13.40 -8.59 -15.13
CA ILE A 98 14.85 -8.39 -15.42
C ILE A 98 15.06 -6.89 -15.66
N TYR A 99 16.05 -6.31 -14.97
CA TYR A 99 16.48 -4.90 -15.13
C TYR A 99 17.76 -4.89 -15.94
N VAL A 100 17.72 -4.16 -17.05
CA VAL A 100 18.86 -4.05 -17.98
C VAL A 100 19.21 -2.58 -18.14
N ARG A 101 20.41 -2.31 -18.60
CA ARG A 101 20.81 -0.95 -19.00
C ARG A 101 21.88 -1.05 -20.09
N GLN A 102 22.19 0.10 -20.67
CA GLN A 102 23.27 0.24 -21.68
C GLN A 102 23.77 1.67 -21.62
N PRO A 103 25.03 1.93 -22.06
CA PRO A 103 25.48 3.30 -22.27
C PRO A 103 24.48 4.00 -23.21
N GLN A 104 24.22 5.29 -22.97
CA GLN A 104 23.20 6.09 -23.71
C GLN A 104 23.52 6.07 -25.21
N ALA A 105 24.80 6.13 -25.59
CA ALA A 105 25.28 6.15 -27.00
C ALA A 105 25.03 4.79 -27.70
N GLU A 106 24.86 3.71 -26.93
CA GLU A 106 24.75 2.31 -27.41
C GLU A 106 23.29 2.02 -27.76
N SER A 107 22.99 1.04 -28.62
CA SER A 107 21.59 0.67 -28.99
C SER A 107 21.40 -0.85 -29.09
N GLU A 108 22.36 -1.56 -29.70
CA GLU A 108 22.32 -3.01 -29.99
C GLU A 108 22.22 -3.82 -28.69
N HIS A 109 23.20 -3.63 -27.82
CA HIS A 109 23.51 -4.49 -26.65
C HIS A 109 23.05 -3.82 -25.35
N TRP A 110 22.40 -4.61 -24.50
CA TRP A 110 22.00 -4.26 -23.12
C TRP A 110 22.74 -5.19 -22.14
N ASP A 111 23.19 -4.67 -21.00
CA ASP A 111 23.73 -5.45 -19.87
C ASP A 111 22.60 -5.72 -18.85
N THR A 112 22.62 -6.91 -18.24
CA THR A 112 21.70 -7.30 -17.15
C THR A 112 22.28 -6.79 -15.83
N LEU A 113 21.54 -5.92 -15.14
CA LEU A 113 21.87 -5.51 -13.75
C LEU A 113 21.47 -6.66 -12.84
N ILE A 114 20.25 -7.16 -12.98
CA ILE A 114 19.78 -8.25 -12.10
C ILE A 114 18.59 -8.93 -12.75
N ASP A 115 18.49 -10.24 -12.55
CA ASP A 115 17.37 -11.07 -13.01
C ASP A 115 16.64 -11.64 -11.79
N GLY A 116 15.42 -11.17 -11.53
CA GLY A 116 14.57 -11.61 -10.42
C GLY A 116 14.33 -13.12 -10.40
N ASN A 117 14.18 -13.72 -11.57
CA ASN A 117 13.90 -15.17 -11.75
C ASN A 117 15.14 -15.95 -11.29
N GLN A 118 16.32 -15.46 -11.68
CA GLN A 118 17.61 -16.03 -11.19
C GLN A 118 17.70 -15.82 -9.67
N ARG A 119 17.39 -14.63 -9.16
CA ARG A 119 17.55 -14.31 -7.72
C ARG A 119 16.51 -15.12 -6.91
N ALA A 120 15.29 -15.29 -7.44
CA ALA A 120 14.17 -16.00 -6.78
C ALA A 120 14.51 -17.48 -6.65
N GLU A 121 15.21 -18.03 -7.64
CA GLU A 121 16.03 -19.28 -7.54
C GLU A 121 15.25 -20.33 -6.77
N GLN A 122 14.06 -20.74 -7.22
CA GLN A 122 13.28 -21.88 -6.65
C GLN A 122 12.35 -21.42 -5.51
N ARG A 123 12.67 -20.34 -4.77
CA ARG A 123 12.01 -19.95 -3.49
C ARG A 123 10.55 -19.58 -3.76
N GLU A 124 9.70 -19.76 -2.75
CA GLU A 124 8.25 -19.48 -2.87
C GLU A 124 8.03 -17.97 -2.83
N PHE A 125 8.94 -17.19 -2.24
CA PHE A 125 8.75 -15.72 -2.13
C PHE A 125 10.02 -14.97 -2.49
N TYR A 126 9.84 -13.89 -3.24
CA TYR A 126 10.90 -12.93 -3.59
C TYR A 126 10.30 -11.54 -3.84
N THR A 127 10.93 -10.50 -3.29
CA THR A 127 10.64 -9.09 -3.65
C THR A 127 11.95 -8.30 -3.69
N LEU A 128 12.18 -7.60 -4.81
CA LEU A 128 13.19 -6.53 -4.93
C LEU A 128 12.54 -5.27 -4.37
N GLY A 129 12.93 -4.85 -3.18
CA GLY A 129 12.44 -3.61 -2.54
C GLY A 129 13.03 -2.39 -3.21
N GLY A 130 14.24 -2.47 -3.76
CA GLY A 130 14.88 -1.31 -4.43
C GLY A 130 16.18 -1.71 -5.07
N LEU A 131 16.58 -0.96 -6.09
CA LEU A 131 17.92 -1.15 -6.71
C LEU A 131 18.37 0.23 -7.18
N GLU A 132 19.67 0.50 -7.08
CA GLU A 132 20.18 1.80 -7.53
C GLU A 132 21.68 1.70 -7.76
N VAL A 133 22.09 2.21 -8.92
CA VAL A 133 23.49 2.27 -9.37
C VAL A 133 24.12 3.49 -8.72
N SER A 134 25.36 3.30 -8.29
CA SER A 134 26.24 4.34 -7.71
C SER A 134 26.30 5.52 -8.67
N PRO A 135 26.50 6.75 -8.15
CA PRO A 135 26.74 7.90 -9.01
C PRO A 135 27.90 7.74 -10.01
N ASP A 136 28.94 6.95 -9.72
CA ASP A 136 30.05 6.72 -10.67
C ASP A 136 29.72 5.58 -11.65
N ASN A 137 28.52 4.97 -11.59
CA ASN A 137 28.01 3.99 -12.58
C ASN A 137 28.74 2.65 -12.46
N GLN A 138 29.54 2.43 -11.41
CA GLN A 138 30.40 1.22 -11.26
C GLN A 138 29.74 0.16 -10.38
N LYS A 139 28.88 0.54 -9.45
CA LYS A 139 28.31 -0.40 -8.46
C LYS A 139 26.77 -0.34 -8.45
N LEU A 140 26.16 -1.50 -8.21
CA LEU A 140 24.71 -1.67 -7.97
C LEU A 140 24.46 -2.14 -6.54
N ALA A 141 23.56 -1.43 -5.84
CA ALA A 141 23.01 -1.84 -4.53
C ALA A 141 21.57 -2.32 -4.74
N VAL A 142 21.24 -3.45 -4.13
CA VAL A 142 19.88 -4.07 -4.20
C VAL A 142 19.43 -4.39 -2.78
N ALA A 143 18.13 -4.16 -2.53
CA ALA A 143 17.40 -4.56 -1.32
C ALA A 143 16.44 -5.67 -1.76
N GLU A 144 16.55 -6.85 -1.16
CA GLU A 144 15.74 -8.03 -1.53
C GLU A 144 15.11 -8.62 -0.26
N ASP A 145 13.84 -8.99 -0.36
CA ASP A 145 13.13 -9.82 0.64
C ASP A 145 12.97 -11.26 0.13
N PHE A 146 13.59 -12.23 0.80
CA PHE A 146 13.59 -13.67 0.45
C PHE A 146 12.54 -14.44 1.26
N LEU A 147 11.86 -13.81 2.22
CA LEU A 147 11.01 -14.51 3.22
C LEU A 147 9.56 -13.99 3.18
N SER A 148 9.37 -12.67 3.14
CA SER A 148 8.07 -11.97 2.97
C SER A 148 7.71 -11.16 4.24
N ARG A 149 8.63 -11.11 5.20
CA ARG A 149 8.47 -10.36 6.51
C ARG A 149 9.00 -8.93 6.36
N ARG A 150 9.37 -8.49 5.15
CA ARG A 150 9.93 -7.15 4.83
C ARG A 150 11.20 -6.86 5.65
N GLN A 151 11.98 -7.90 5.98
CA GLN A 151 13.37 -7.78 6.49
C GLN A 151 14.31 -7.87 5.28
N TYR A 152 14.61 -6.74 4.67
CA TYR A 152 15.38 -6.66 3.41
C TYR A 152 16.87 -6.85 3.69
N ASP A 153 17.48 -7.76 2.93
CA ASP A 153 18.94 -7.87 2.73
C ASP A 153 19.37 -6.85 1.69
N ILE A 154 20.45 -6.11 1.97
CA ILE A 154 21.13 -5.25 0.97
C ILE A 154 22.46 -5.88 0.58
N ARG A 155 22.69 -5.97 -0.73
CA ARG A 155 23.92 -6.55 -1.32
C ARG A 155 24.34 -5.63 -2.45
N PHE A 156 25.60 -5.78 -2.85
CA PHE A 156 26.30 -4.88 -3.80
C PHE A 156 26.98 -5.72 -4.88
N LYS A 157 26.84 -5.26 -6.13
CA LYS A 157 27.42 -5.84 -7.37
C LYS A 157 28.43 -4.87 -7.99
N ASN A 158 29.60 -5.40 -8.35
CA ASN A 158 30.61 -4.73 -9.21
C ASN A 158 30.16 -4.88 -10.67
N LEU A 159 29.72 -3.79 -11.31
CA LEU A 159 29.11 -3.82 -12.66
C LEU A 159 30.18 -4.06 -13.74
N SER A 160 31.39 -3.56 -13.57
CA SER A 160 32.56 -3.79 -14.46
C SER A 160 32.69 -5.29 -14.78
N ASP A 161 32.55 -6.19 -13.79
CA ASP A 161 32.85 -7.63 -13.97
C ASP A 161 31.70 -8.53 -13.48
N ASP A 162 30.56 -7.95 -13.08
CA ASP A 162 29.34 -8.66 -12.62
C ASP A 162 29.60 -9.58 -11.42
N SER A 163 30.63 -9.33 -10.60
CA SER A 163 30.85 -10.03 -9.31
C SER A 163 30.03 -9.33 -8.20
N TRP A 164 29.61 -10.08 -7.18
CA TRP A 164 29.00 -9.57 -5.93
C TRP A 164 30.09 -9.45 -4.86
N THR A 165 30.03 -8.40 -4.04
CA THR A 165 30.88 -8.25 -2.84
C THR A 165 30.44 -9.34 -1.83
N ASP A 166 31.23 -9.56 -0.77
CA ASP A 166 31.02 -10.70 0.18
C ASP A 166 29.90 -10.40 1.19
N GLU A 167 29.62 -9.13 1.44
CA GLU A 167 28.83 -8.72 2.63
C GLU A 167 27.34 -8.60 2.27
N VAL A 168 26.50 -8.71 3.29
CA VAL A 168 25.03 -8.49 3.22
C VAL A 168 24.63 -7.64 4.44
N LEU A 169 23.85 -6.58 4.23
CA LEU A 169 23.25 -5.79 5.33
C LEU A 169 21.88 -6.42 5.64
N GLU A 170 21.69 -7.01 6.82
CA GLU A 170 20.48 -7.82 7.16
C GLU A 170 19.49 -6.99 7.97
N ASN A 171 18.23 -7.37 7.91
CA ASN A 171 17.11 -6.78 8.70
C ASN A 171 17.09 -5.26 8.44
N THR A 172 17.24 -4.83 7.19
CA THR A 172 17.08 -3.40 6.80
C THR A 172 15.62 -3.14 6.40
N SER A 173 15.21 -1.86 6.35
CA SER A 173 13.90 -1.42 5.80
C SER A 173 13.96 -1.44 4.27
N GLY A 174 15.14 -1.63 3.68
CA GLY A 174 15.35 -1.57 2.22
C GLY A 174 15.59 -0.15 1.77
N SER A 175 15.42 0.83 2.66
CA SER A 175 15.68 2.25 2.35
C SER A 175 17.18 2.49 2.51
N PHE A 176 17.82 3.02 1.45
CA PHE A 176 19.26 3.32 1.38
C PHE A 176 19.51 4.42 0.35
N GLU A 177 20.63 5.14 0.47
CA GLU A 177 21.11 6.15 -0.50
C GLU A 177 22.65 6.04 -0.60
N TRP A 178 23.20 6.27 -1.79
CA TRP A 178 24.66 6.36 -2.08
C TRP A 178 25.16 7.74 -1.68
N ALA A 179 26.29 7.79 -0.98
CA ALA A 179 27.10 9.02 -0.87
C ALA A 179 27.65 9.35 -2.27
N ASN A 180 28.03 10.61 -2.51
CA ASN A 180 28.46 11.06 -3.86
C ASN A 180 29.82 10.45 -4.21
N ASP A 181 30.52 9.82 -3.28
CA ASP A 181 31.83 9.16 -3.54
C ASP A 181 31.63 7.75 -4.12
N SER A 182 30.40 7.19 -4.06
CA SER A 182 30.09 5.81 -4.55
C SER A 182 30.83 4.75 -3.73
N ALA A 183 31.33 5.05 -2.54
CA ALA A 183 32.04 4.06 -1.70
C ALA A 183 31.19 3.74 -0.47
N THR A 184 30.38 4.71 -0.06
CA THR A 184 29.54 4.64 1.16
C THR A 184 28.06 4.62 0.78
N VAL A 185 27.29 3.81 1.49
CA VAL A 185 25.80 3.79 1.47
C VAL A 185 25.32 4.07 2.91
N TYR A 186 24.30 4.93 3.06
CA TYR A 186 23.46 5.05 4.29
C TYR A 186 22.26 4.11 4.13
N TYR A 187 21.81 3.47 5.20
CA TYR A 187 20.70 2.51 5.17
C TYR A 187 20.02 2.45 6.53
N VAL A 188 18.80 1.94 6.56
CA VAL A 188 17.96 1.92 7.77
C VAL A 188 17.85 0.50 8.31
N ARG A 189 18.21 0.31 9.57
CA ARG A 189 18.10 -0.99 10.24
C ARG A 189 16.81 -1.01 11.04
N LYS A 190 16.18 -2.19 11.08
CA LYS A 190 14.92 -2.46 11.81
C LYS A 190 15.25 -3.00 13.20
N HIS A 191 14.45 -2.62 14.19
CA HIS A 191 14.54 -3.13 15.56
C HIS A 191 14.40 -4.66 15.49
N ALA A 192 15.19 -5.41 16.26
CA ALA A 192 15.31 -6.89 16.17
C ALA A 192 13.95 -7.54 16.42
N LYS A 193 13.10 -6.97 17.28
CA LYS A 193 11.82 -7.59 17.73
C LYS A 193 10.60 -6.78 17.26
N THR A 194 10.57 -5.47 17.42
CA THR A 194 9.41 -4.65 16.96
C THR A 194 9.43 -4.48 15.43
N LEU A 195 10.58 -4.72 14.77
CA LEU A 195 10.80 -4.52 13.31
C LEU A 195 10.67 -3.04 12.93
N LEU A 196 10.62 -2.11 13.88
CA LEU A 196 10.51 -0.66 13.58
C LEU A 196 11.81 -0.16 12.95
N PRO A 197 11.75 0.48 11.77
CA PRO A 197 12.88 1.24 11.23
C PRO A 197 13.29 2.37 12.19
N TYR A 198 14.48 2.28 12.80
CA TYR A 198 14.87 3.15 13.94
C TYR A 198 16.35 3.61 13.93
N GLN A 199 17.21 3.08 13.05
CA GLN A 199 18.64 3.41 13.05
C GLN A 199 19.12 3.66 11.63
N VAL A 200 19.84 4.75 11.43
CA VAL A 200 20.65 4.98 10.19
C VAL A 200 22.09 4.53 10.47
N TYR A 201 22.66 3.67 9.60
CA TYR A 201 24.08 3.28 9.61
C TYR A 201 24.74 3.83 8.33
N ARG A 202 26.04 4.09 8.42
CA ARG A 202 26.94 4.33 7.26
C ARG A 202 27.68 3.00 7.01
N HIS A 203 27.68 2.51 5.77
CA HIS A 203 28.41 1.28 5.34
C HIS A 203 29.37 1.62 4.20
N VAL A 204 30.66 1.31 4.36
CA VAL A 204 31.67 1.36 3.25
C VAL A 204 31.52 0.06 2.47
N VAL A 205 31.20 0.17 1.17
CA VAL A 205 30.92 -1.02 0.30
C VAL A 205 32.20 -1.86 0.23
N GLY A 206 32.08 -3.18 0.38
CA GLY A 206 33.22 -4.11 0.34
C GLY A 206 33.79 -4.39 1.73
N THR A 207 33.13 -3.95 2.80
CA THR A 207 33.66 -4.11 4.19
C THR A 207 32.67 -4.93 5.02
N ASP A 208 33.15 -5.42 6.17
CA ASP A 208 32.33 -6.15 7.15
C ASP A 208 31.33 -5.18 7.77
N PRO A 209 30.01 -5.46 7.75
CA PRO A 209 29.03 -4.57 8.39
C PRO A 209 29.13 -4.47 9.93
N GLN A 210 29.82 -5.40 10.60
CA GLN A 210 30.18 -5.25 12.05
C GLN A 210 30.87 -3.89 12.28
N LEU A 211 31.58 -3.36 11.27
CA LEU A 211 32.30 -2.06 11.30
C LEU A 211 31.37 -0.88 10.99
N ASP A 212 30.08 -1.10 10.68
CA ASP A 212 29.14 -0.01 10.27
C ASP A 212 28.95 0.97 11.43
N GLU A 213 29.06 2.25 11.14
CA GLU A 213 28.91 3.36 12.12
C GLU A 213 27.41 3.70 12.26
N LEU A 214 26.90 3.70 13.50
CA LEU A 214 25.55 4.23 13.85
C LEU A 214 25.57 5.75 13.66
N ILE A 215 24.71 6.30 12.81
CA ILE A 215 24.65 7.76 12.48
C ILE A 215 23.53 8.46 13.26
N TYR A 216 22.39 7.81 13.45
CA TYR A 216 21.18 8.38 14.08
C TYR A 216 20.30 7.24 14.57
N GLU A 217 19.87 7.31 15.82
CA GLU A 217 18.87 6.39 16.41
C GLU A 217 17.68 7.24 16.84
N GLU A 218 16.48 6.88 16.36
CA GLU A 218 15.22 7.58 16.71
C GLU A 218 14.79 7.08 18.08
N GLN A 219 14.81 7.98 19.07
CA GLN A 219 14.49 7.65 20.49
C GLN A 219 12.97 7.52 20.66
N ASP A 220 12.18 8.25 19.88
CA ASP A 220 10.69 8.20 20.03
C ASP A 220 10.12 7.17 19.05
N ASP A 221 9.63 6.05 19.58
CA ASP A 221 9.24 4.87 18.76
C ASP A 221 7.82 5.05 18.19
N THR A 222 7.23 6.25 18.28
CA THR A 222 5.98 6.61 17.57
C THR A 222 6.36 7.07 16.16
N PHE A 223 7.66 7.23 15.91
CA PHE A 223 8.22 7.72 14.62
C PHE A 223 8.86 6.57 13.80
N TYR A 224 8.89 6.78 12.48
CA TYR A 224 9.54 5.92 11.46
C TYR A 224 10.79 6.63 10.94
N VAL A 225 11.90 5.91 10.80
CA VAL A 225 13.11 6.44 10.11
C VAL A 225 13.08 6.05 8.62
N GLY A 226 13.15 7.02 7.71
CA GLY A 226 13.42 6.78 6.29
C GLY A 226 14.60 7.59 5.76
N LEU A 227 15.09 7.26 4.55
CA LEU A 227 16.15 7.99 3.80
C LEU A 227 15.59 8.43 2.44
N GLU A 228 16.03 9.61 2.01
CA GLU A 228 15.75 10.18 0.67
C GLU A 228 17.05 10.84 0.24
N LYS A 229 17.19 11.18 -1.04
CA LYS A 229 18.29 12.05 -1.55
C LYS A 229 17.63 13.19 -2.31
N THR A 230 18.15 14.42 -2.20
CA THR A 230 17.55 15.61 -2.86
C THR A 230 17.84 15.56 -4.36
N THR A 231 17.01 16.22 -5.16
CA THR A 231 17.16 16.48 -6.61
C THR A 231 18.55 17.04 -6.90
N SER A 232 19.07 17.91 -6.03
CA SER A 232 20.38 18.62 -6.18
C SER A 232 21.55 17.65 -5.99
N ASP A 233 21.29 16.54 -5.29
CA ASP A 233 22.26 15.49 -4.88
C ASP A 233 23.15 16.00 -3.74
N ARG A 234 22.92 17.21 -3.22
CA ARG A 234 23.75 17.81 -2.15
C ARG A 234 23.47 17.09 -0.83
N PHE A 235 22.23 16.67 -0.58
CA PHE A 235 21.83 16.13 0.74
C PHE A 235 21.19 14.74 0.61
N ILE A 236 21.57 13.87 1.54
CA ILE A 236 20.77 12.67 1.93
C ILE A 236 19.94 13.09 3.14
N LEU A 237 18.63 12.84 3.13
CA LEU A 237 17.71 13.26 4.21
C LEU A 237 17.44 12.08 5.13
N ILE A 238 17.54 12.28 6.44
CA ILE A 238 16.89 11.38 7.44
C ILE A 238 15.47 11.93 7.60
N HIS A 239 14.49 11.20 7.11
CA HIS A 239 13.06 11.59 7.15
C HIS A 239 12.45 10.81 8.30
N LEU A 240 12.09 11.52 9.37
CA LEU A 240 11.44 10.93 10.55
C LEU A 240 9.96 11.32 10.49
N SER A 241 9.08 10.32 10.47
CA SER A 241 7.64 10.52 10.20
C SER A 241 6.84 9.73 11.23
N SER A 242 5.66 10.24 11.55
CA SER A 242 4.62 9.56 12.38
C SER A 242 3.27 9.97 11.81
N THR A 243 2.20 9.53 12.43
CA THR A 243 0.84 9.89 11.98
C THR A 243 0.76 11.41 11.79
N THR A 244 1.18 12.17 12.80
CA THR A 244 0.86 13.62 12.98
C THR A 244 2.06 14.53 12.68
N THR A 245 3.30 14.03 12.77
CA THR A 245 4.50 14.89 13.02
C THR A 245 5.73 14.40 12.24
N SER A 246 6.48 15.34 11.63
CA SER A 246 7.71 15.07 10.83
C SER A 246 8.91 15.80 11.44
N GLU A 247 10.09 15.31 11.09
CA GLU A 247 11.37 16.01 11.28
C GLU A 247 12.32 15.54 10.18
N ILE A 248 13.05 16.46 9.56
CA ILE A 248 14.12 16.11 8.61
C ILE A 248 15.46 16.54 9.17
N LEU A 249 16.44 15.66 9.02
CA LEU A 249 17.87 15.94 9.30
C LEU A 249 18.64 15.81 7.99
N LEU A 250 19.58 16.72 7.74
CA LEU A 250 20.45 16.73 6.55
C LEU A 250 21.76 15.99 6.85
N LEU A 251 22.19 15.15 5.89
CA LEU A 251 23.53 14.56 5.73
C LEU A 251 24.16 15.11 4.44
N ASP A 252 25.31 15.75 4.55
CA ASP A 252 26.09 16.30 3.41
C ASP A 252 26.59 15.09 2.60
N ALA A 253 26.05 14.92 1.39
CA ALA A 253 26.27 13.75 0.53
C ALA A 253 27.69 13.79 -0.09
N ASP A 254 28.38 14.93 0.03
CA ASP A 254 29.72 15.18 -0.55
C ASP A 254 30.84 14.85 0.46
N ARG A 255 30.53 14.41 1.68
CA ARG A 255 31.54 14.25 2.75
C ARG A 255 31.36 12.89 3.45
N ALA A 256 32.47 12.32 3.91
CA ALA A 256 32.56 10.95 4.46
C ALA A 256 32.17 10.94 5.94
N ASP A 257 32.28 12.08 6.64
CA ASP A 257 32.14 12.18 8.11
C ASP A 257 30.95 13.07 8.49
N SER A 258 29.98 13.27 7.58
CA SER A 258 28.70 13.96 7.86
C SER A 258 28.06 13.41 9.12
N THR A 259 27.53 14.31 9.96
CA THR A 259 26.62 13.98 11.09
C THR A 259 25.29 14.68 10.80
N PRO A 260 24.17 14.17 11.32
CA PRO A 260 22.85 14.74 11.00
C PRO A 260 22.74 16.22 11.40
N GLN A 261 22.44 17.11 10.46
CA GLN A 261 22.14 18.54 10.76
C GLN A 261 20.62 18.77 10.73
N MET A 262 20.02 19.12 11.87
CA MET A 262 18.60 19.50 12.04
C MET A 262 18.16 20.50 10.96
N PHE A 263 17.03 20.25 10.29
CA PHE A 263 16.33 21.26 9.43
C PHE A 263 15.39 22.07 10.34
N VAL A 264 14.21 21.55 10.65
CA VAL A 264 13.22 22.19 11.57
C VAL A 264 12.82 21.17 12.65
N PRO A 265 13.07 21.49 13.94
CA PRO A 265 12.78 20.55 15.03
C PRO A 265 11.30 20.17 15.00
N ARG A 266 11.00 18.96 15.46
CA ARG A 266 9.64 18.37 15.37
C ARG A 266 8.69 19.21 16.22
N ARG A 267 7.47 19.40 15.72
CA ARG A 267 6.36 20.13 16.36
C ARG A 267 5.11 19.28 16.17
N LYS A 268 4.43 18.87 17.24
CA LYS A 268 3.19 18.07 17.20
C LYS A 268 2.24 18.69 16.18
N ASP A 269 1.69 17.85 15.29
CA ASP A 269 0.69 18.17 14.22
C ASP A 269 1.33 19.03 13.12
N HIS A 270 2.65 19.18 13.09
CA HIS A 270 3.33 19.78 11.91
C HIS A 270 4.03 18.68 11.12
N GLU A 271 3.51 18.42 9.93
CA GLU A 271 4.06 17.44 8.94
C GLU A 271 4.70 18.26 7.83
N TYR A 272 5.94 17.94 7.51
CA TYR A 272 6.66 18.60 6.42
C TYR A 272 7.58 17.58 5.76
N GLY A 273 7.87 17.80 4.48
CA GLY A 273 8.92 17.10 3.71
C GLY A 273 9.57 18.07 2.75
N ILE A 274 10.81 17.79 2.34
CA ILE A 274 11.61 18.76 1.56
C ILE A 274 12.36 18.06 0.43
N ASP A 275 12.69 18.87 -0.55
CA ASP A 275 13.74 18.66 -1.56
C ASP A 275 14.65 19.89 -1.51
N HIS A 276 15.67 19.87 -2.37
CA HIS A 276 16.70 20.91 -2.51
C HIS A 276 17.10 20.96 -3.98
N TYR A 277 17.04 22.15 -4.56
CA TYR A 277 17.22 22.38 -6.03
C TYR A 277 17.40 23.87 -6.26
N HIS A 278 18.12 24.25 -7.32
CA HIS A 278 18.36 25.68 -7.68
C HIS A 278 18.74 26.50 -6.44
N GLN A 279 19.50 25.92 -5.48
CA GLN A 279 20.05 26.63 -4.26
C GLN A 279 18.99 26.84 -3.17
N HIS A 280 17.76 26.36 -3.36
CA HIS A 280 16.63 26.56 -2.42
C HIS A 280 16.11 25.20 -1.90
N PHE A 281 15.57 25.21 -0.68
CA PHE A 281 14.68 24.17 -0.13
C PHE A 281 13.25 24.48 -0.56
N TYR A 282 12.56 23.42 -0.95
CA TYR A 282 11.14 23.40 -1.32
C TYR A 282 10.44 22.50 -0.31
N ILE A 283 9.45 23.04 0.40
CA ILE A 283 8.84 22.38 1.58
C ILE A 283 7.34 22.24 1.34
N ARG A 284 6.85 21.02 1.45
CA ARG A 284 5.41 20.72 1.56
C ARG A 284 5.15 20.62 3.06
N SER A 285 4.36 21.56 3.59
CA SER A 285 4.12 21.73 5.04
C SER A 285 2.63 22.00 5.25
N ASN A 286 2.10 21.49 6.37
CA ASN A 286 0.73 21.83 6.82
C ASN A 286 0.81 22.85 7.95
N LYS A 287 1.84 23.70 7.96
CA LYS A 287 2.01 24.69 9.05
C LYS A 287 0.78 25.61 9.07
N ASP A 288 0.21 25.96 7.91
CA ASP A 288 -0.82 27.04 7.83
C ASP A 288 -2.20 26.45 7.49
N GLY A 289 -2.28 25.17 7.16
CA GLY A 289 -3.53 24.53 6.72
C GLY A 289 -3.41 23.02 6.64
N LYS A 290 -4.49 22.32 6.95
CA LYS A 290 -4.53 20.83 7.04
C LYS A 290 -4.28 20.20 5.65
N ASN A 291 -4.65 20.89 4.57
CA ASN A 291 -4.58 20.32 3.20
C ASN A 291 -3.24 20.69 2.56
N PHE A 292 -2.32 21.26 3.34
CA PHE A 292 -0.89 21.50 2.96
C PHE A 292 -0.73 22.65 1.96
N GLY A 293 0.43 23.28 2.09
CA GLY A 293 0.93 24.32 1.16
C GLY A 293 2.33 23.98 0.72
N LEU A 294 2.84 24.70 -0.27
CA LEU A 294 4.24 24.55 -0.76
C LEU A 294 4.99 25.88 -0.60
N TYR A 295 6.21 25.76 -0.09
CA TYR A 295 7.07 26.86 0.38
C TYR A 295 8.46 26.69 -0.23
N GLN A 296 9.09 27.83 -0.48
CA GLN A 296 10.50 27.93 -0.91
C GLN A 296 11.25 28.71 0.16
N SER A 297 12.51 28.36 0.36
CA SER A 297 13.41 28.99 1.36
C SER A 297 14.86 28.81 0.95
N GLU A 298 15.71 29.79 1.26
CA GLU A 298 17.19 29.65 1.16
C GLU A 298 17.72 28.96 2.41
N GLN A 299 16.93 28.96 3.50
CA GLN A 299 17.39 28.54 4.85
C GLN A 299 16.38 27.59 5.48
N ALA A 300 16.82 26.81 6.47
CA ALA A 300 16.01 25.87 7.29
C ALA A 300 14.90 26.62 8.05
N ASP A 301 15.26 27.72 8.72
CA ASP A 301 14.42 28.62 9.57
C ASP A 301 13.03 28.82 8.95
N GLU A 302 11.99 28.40 9.67
CA GLU A 302 10.57 28.33 9.21
C GLU A 302 10.02 29.74 8.92
N ALA A 303 10.48 30.77 9.63
CA ALA A 303 10.04 32.18 9.47
C ALA A 303 10.37 32.68 8.05
N GLN A 304 11.37 32.08 7.37
CA GLN A 304 11.85 32.54 6.03
C GLN A 304 11.09 31.85 4.89
N TRP A 305 10.23 30.86 5.19
CA TRP A 305 9.46 30.12 4.15
C TRP A 305 8.56 31.10 3.40
N GLN A 306 8.84 31.29 2.11
CA GLN A 306 7.99 32.03 1.12
C GLN A 306 6.90 31.09 0.61
N THR A 307 5.64 31.48 0.75
CA THR A 307 4.46 30.73 0.22
C THR A 307 4.51 30.70 -1.31
N LEU A 308 4.54 29.50 -1.90
CA LEU A 308 4.40 29.25 -3.36
C LEU A 308 2.95 28.83 -3.65
N ILE A 309 2.42 27.95 -2.81
CA ILE A 309 1.01 27.48 -2.87
C ILE A 309 0.43 27.51 -1.45
N ALA A 310 -0.56 28.37 -1.23
CA ALA A 310 -1.30 28.49 0.05
C ALA A 310 -2.22 27.28 0.19
N PRO A 311 -2.43 26.77 1.41
CA PRO A 311 -3.36 25.67 1.64
C PRO A 311 -4.78 26.13 1.25
N ARG A 312 -5.55 25.27 0.59
CA ARG A 312 -6.95 25.55 0.19
C ARG A 312 -7.82 24.44 0.79
N ILE A 313 -8.94 24.80 1.42
CA ILE A 313 -9.82 23.80 2.07
C ILE A 313 -10.36 22.82 1.01
N GLU A 314 -10.50 23.26 -0.24
CA GLU A 314 -11.08 22.43 -1.32
C GLU A 314 -10.03 21.55 -2.01
N VAL A 315 -8.72 21.78 -1.79
CA VAL A 315 -7.61 21.13 -2.55
C VAL A 315 -6.54 20.59 -1.61
N MET A 316 -6.31 19.28 -1.66
CA MET A 316 -5.25 18.57 -0.91
C MET A 316 -4.00 18.60 -1.79
N LEU A 317 -2.94 19.30 -1.38
CA LEU A 317 -1.65 19.23 -2.09
C LEU A 317 -0.98 17.92 -1.65
N GLU A 318 -0.66 17.04 -2.57
CA GLU A 318 -0.16 15.72 -2.12
C GLU A 318 1.32 15.50 -2.41
N GLY A 319 1.88 16.12 -3.44
CA GLY A 319 3.23 15.77 -3.92
C GLY A 319 3.71 16.79 -4.92
N PHE A 320 5.01 16.82 -5.18
CA PHE A 320 5.51 17.83 -6.17
C PHE A 320 6.78 17.31 -6.85
N SER A 321 7.05 17.86 -8.04
CA SER A 321 8.29 17.58 -8.82
C SER A 321 8.85 18.89 -9.36
N LEU A 322 10.18 18.98 -9.38
CA LEU A 322 10.94 20.22 -9.73
C LEU A 322 11.60 20.06 -11.10
N PHE A 323 11.32 20.98 -12.02
CA PHE A 323 11.93 21.06 -13.37
C PHE A 323 12.61 22.42 -13.54
N ARG A 324 13.57 22.46 -14.47
CA ARG A 324 14.26 23.66 -15.03
C ARG A 324 13.34 24.87 -14.94
N ASP A 325 12.18 24.83 -15.64
CA ASP A 325 11.29 26.00 -15.84
C ASP A 325 9.96 25.85 -15.09
N TRP A 326 9.61 24.66 -14.60
CA TRP A 326 8.24 24.40 -14.06
C TRP A 326 8.31 23.69 -12.71
N LEU A 327 7.40 24.09 -11.82
CA LEU A 327 6.98 23.30 -10.66
C LEU A 327 5.76 22.48 -11.11
N VAL A 328 5.70 21.19 -10.78
CA VAL A 328 4.51 20.36 -11.10
C VAL A 328 4.05 19.74 -9.78
N VAL A 329 2.77 19.84 -9.48
CA VAL A 329 2.20 19.39 -8.18
C VAL A 329 1.05 18.43 -8.44
N GLU A 330 0.91 17.47 -7.54
CA GLU A 330 -0.21 16.51 -7.50
C GLU A 330 -1.19 17.07 -6.48
N GLU A 331 -2.42 17.27 -6.91
CA GLU A 331 -3.50 17.83 -6.07
C GLU A 331 -4.73 16.94 -6.12
N ARG A 332 -5.61 17.09 -5.14
CA ARG A 332 -6.86 16.31 -5.07
C ARG A 332 -7.98 17.30 -4.76
N SER A 333 -9.01 17.35 -5.60
CA SER A 333 -10.26 18.09 -5.28
C SER A 333 -11.44 17.34 -5.87
N GLU A 334 -12.58 17.43 -5.17
CA GLU A 334 -13.86 16.78 -5.55
C GLU A 334 -13.62 15.30 -5.82
N GLY A 335 -12.79 14.67 -4.99
CA GLY A 335 -12.52 13.22 -5.01
C GLY A 335 -11.63 12.82 -6.18
N LEU A 336 -10.97 13.76 -6.86
CA LEU A 336 -10.21 13.44 -8.10
C LEU A 336 -8.79 14.02 -8.02
N THR A 337 -7.80 13.24 -8.43
CA THR A 337 -6.39 13.66 -8.57
C THR A 337 -6.27 14.53 -9.83
N GLN A 338 -5.53 15.63 -9.76
CA GLN A 338 -5.14 16.47 -10.93
C GLN A 338 -3.64 16.77 -10.81
N LEU A 339 -3.04 17.25 -11.89
CA LEU A 339 -1.64 17.78 -11.88
C LEU A 339 -1.72 19.22 -12.36
N ARG A 340 -0.95 20.10 -11.74
CA ARG A 340 -0.88 21.53 -12.09
C ARG A 340 0.59 21.90 -12.25
N GLN A 341 0.89 22.75 -13.23
CA GLN A 341 2.26 23.26 -13.49
C GLN A 341 2.24 24.78 -13.33
N ILE A 342 3.29 25.32 -12.72
CA ILE A 342 3.44 26.78 -12.45
C ILE A 342 4.83 27.16 -12.96
N HIS A 343 4.90 28.09 -13.91
CA HIS A 343 6.19 28.61 -14.46
C HIS A 343 6.87 29.39 -13.33
N TRP A 344 8.13 29.11 -13.04
CA TRP A 344 8.88 29.82 -11.96
C TRP A 344 8.89 31.34 -12.23
N GLN A 345 9.03 31.78 -13.49
CA GLN A 345 9.17 33.21 -13.88
C GLN A 345 7.78 33.83 -14.07
N SER A 346 7.10 33.47 -15.17
CA SER A 346 5.81 34.06 -15.58
C SER A 346 4.73 33.79 -14.53
N GLY A 347 4.88 32.75 -13.70
CA GLY A 347 3.83 32.31 -12.75
C GLY A 347 2.60 31.78 -13.49
N GLU A 348 2.70 31.60 -14.81
CA GLU A 348 1.62 31.00 -15.63
C GLU A 348 1.28 29.61 -15.04
N VAL A 349 -0.01 29.32 -14.99
CA VAL A 349 -0.57 28.07 -14.41
C VAL A 349 -1.25 27.33 -15.54
N LYS A 350 -0.97 26.03 -15.66
CA LYS A 350 -1.70 25.10 -16.56
C LYS A 350 -2.09 23.87 -15.75
N ARG A 351 -3.23 23.28 -16.07
CA ARG A 351 -3.74 22.07 -15.39
C ARG A 351 -3.89 20.97 -16.44
N ILE A 352 -3.73 19.70 -16.04
CA ILE A 352 -4.02 18.55 -16.94
C ILE A 352 -5.48 18.14 -16.75
N ALA A 353 -6.32 18.33 -17.78
CA ALA A 353 -7.73 17.86 -17.79
C ALA A 353 -7.74 16.32 -17.80
N PHE A 354 -8.77 15.72 -17.20
CA PHE A 354 -9.30 14.39 -17.56
C PHE A 354 -10.81 14.44 -17.38
N ASP A 355 -11.60 13.99 -18.35
CA ASP A 355 -13.09 14.04 -18.31
C ASP A 355 -13.68 12.73 -17.80
N ASP A 356 -12.86 11.70 -17.58
CA ASP A 356 -13.29 10.40 -17.01
C ASP A 356 -13.83 10.67 -15.60
N PRO A 357 -14.96 10.09 -15.19
CA PRO A 357 -15.48 10.35 -13.84
C PRO A 357 -14.75 9.58 -12.73
N THR A 358 -13.82 8.72 -13.12
CA THR A 358 -13.43 7.56 -12.31
C THR A 358 -12.00 7.17 -12.69
N TYR A 359 -11.06 8.09 -12.51
CA TYR A 359 -9.63 7.89 -12.87
C TYR A 359 -8.70 8.36 -11.75
N THR A 360 -7.44 7.97 -11.88
CA THR A 360 -6.31 8.52 -11.09
C THR A 360 -5.18 8.94 -12.05
N THR A 361 -4.55 10.06 -11.73
CA THR A 361 -3.32 10.55 -12.39
C THR A 361 -2.26 10.76 -11.30
N TRP A 362 -0.99 10.63 -11.66
CA TRP A 362 0.16 10.81 -10.75
C TRP A 362 1.43 11.21 -11.51
N LEU A 363 2.37 11.86 -10.84
CA LEU A 363 3.77 12.07 -11.29
C LEU A 363 4.42 10.70 -11.40
N ALA A 364 4.93 10.33 -12.57
CA ALA A 364 5.70 9.09 -12.76
C ALA A 364 7.16 9.40 -12.43
N TYR A 365 8.04 8.43 -12.62
CA TYR A 365 9.49 8.63 -12.49
C TYR A 365 9.95 9.62 -13.57
N ASN A 366 10.58 10.72 -13.11
CA ASN A 366 11.28 11.70 -13.98
C ASN A 366 12.71 11.80 -13.49
N PRO A 367 13.67 11.10 -14.13
CA PRO A 367 15.02 11.00 -13.55
C PRO A 367 15.79 12.34 -13.55
N GLU A 368 15.48 13.27 -14.46
CA GLU A 368 16.27 14.50 -14.72
C GLU A 368 15.37 15.72 -14.62
N PRO A 369 15.71 16.71 -13.77
CA PRO A 369 14.96 17.95 -13.71
C PRO A 369 15.15 18.91 -14.89
N GLU A 370 16.33 18.90 -15.53
CA GLU A 370 16.68 19.81 -16.64
C GLU A 370 15.98 19.31 -17.90
N THR A 371 14.69 19.57 -18.02
CA THR A 371 13.87 19.17 -19.20
C THR A 371 12.51 19.87 -19.17
N GLU A 372 11.79 19.84 -20.29
CA GLU A 372 10.42 20.38 -20.43
C GLU A 372 9.43 19.22 -20.62
N LEU A 373 9.93 17.99 -20.58
CA LEU A 373 9.15 16.75 -20.80
C LEU A 373 8.80 16.20 -19.42
N LEU A 374 7.51 16.17 -19.10
CA LEU A 374 6.98 15.57 -17.86
C LEU A 374 6.43 14.20 -18.23
N ARG A 375 6.90 13.15 -17.57
CA ARG A 375 6.22 11.82 -17.61
C ARG A 375 5.26 11.73 -16.44
N TYR A 376 4.01 11.35 -16.73
CA TYR A 376 2.93 11.21 -15.74
C TYR A 376 2.06 10.01 -16.11
N GLY A 377 1.48 9.43 -15.07
CA GLY A 377 0.65 8.22 -15.14
C GLY A 377 -0.82 8.61 -15.16
N TYR A 378 -1.63 7.73 -15.74
CA TYR A 378 -3.11 7.83 -15.79
C TYR A 378 -3.62 6.38 -15.80
N SER A 379 -4.70 6.14 -15.08
CA SER A 379 -5.48 4.87 -15.09
C SER A 379 -6.90 5.21 -14.65
N SER A 380 -7.86 4.43 -15.15
CA SER A 380 -9.29 4.58 -14.82
C SER A 380 -9.90 3.18 -14.75
N MET A 381 -11.14 3.12 -14.32
CA MET A 381 -11.88 1.84 -14.19
C MET A 381 -12.15 1.25 -15.58
N THR A 382 -12.04 2.06 -16.64
CA THR A 382 -12.31 1.71 -18.07
C THR A 382 -11.04 1.81 -18.94
N THR A 383 -9.95 2.43 -18.50
CA THR A 383 -8.72 2.62 -19.32
C THR A 383 -7.52 2.00 -18.63
N PRO A 384 -6.84 1.00 -19.23
CA PRO A 384 -5.62 0.45 -18.65
C PRO A 384 -4.52 1.51 -18.43
N THR A 385 -3.66 1.22 -17.45
CA THR A 385 -2.59 2.12 -16.96
C THR A 385 -1.78 2.65 -18.15
N THR A 386 -1.63 3.98 -18.22
CA THR A 386 -1.02 4.70 -19.36
C THR A 386 0.16 5.54 -18.86
N LEU A 387 1.22 5.62 -19.65
CA LEU A 387 2.36 6.55 -19.42
C LEU A 387 2.30 7.62 -20.51
N TYR A 388 2.08 8.88 -20.11
CA TYR A 388 2.08 10.08 -20.98
C TYR A 388 3.39 10.83 -20.79
N GLU A 389 3.82 11.55 -21.83
CA GLU A 389 4.90 12.56 -21.82
C GLU A 389 4.29 13.88 -22.30
N LEU A 390 4.33 14.90 -21.47
CA LEU A 390 3.77 16.26 -21.74
C LEU A 390 4.95 17.20 -21.94
N ASN A 391 4.97 17.88 -23.07
CA ASN A 391 5.86 19.05 -23.23
C ASN A 391 5.22 20.18 -22.44
N LEU A 392 5.82 20.54 -21.30
CA LEU A 392 5.28 21.53 -20.34
C LEU A 392 5.12 22.91 -21.02
N ASP A 393 5.87 23.19 -22.10
CA ASP A 393 5.91 24.54 -22.74
C ASP A 393 4.91 24.56 -23.90
N SER A 394 4.93 23.55 -24.75
CA SER A 394 4.12 23.52 -26.00
C SER A 394 2.74 22.93 -25.71
N ASP A 395 2.56 22.21 -24.59
CA ASP A 395 1.30 21.49 -24.21
C ASP A 395 1.15 20.20 -25.01
N GLU A 396 2.03 19.90 -25.96
CA GLU A 396 1.85 18.66 -26.77
C GLU A 396 2.08 17.45 -25.85
N ARG A 397 1.17 16.48 -25.94
CA ARG A 397 1.17 15.22 -25.17
C ARG A 397 1.34 14.04 -26.12
N VAL A 398 2.20 13.11 -25.75
CA VAL A 398 2.48 11.82 -26.45
C VAL A 398 2.11 10.70 -25.48
N MET A 399 1.43 9.65 -25.95
CA MET A 399 1.23 8.45 -25.11
C MET A 399 2.41 7.53 -25.39
N LEU A 400 3.24 7.29 -24.39
CA LEU A 400 4.47 6.47 -24.55
C LEU A 400 4.11 4.98 -24.50
N LYS A 401 3.18 4.61 -23.61
CA LYS A 401 2.76 3.21 -23.44
C LYS A 401 1.36 3.13 -22.79
N GLN A 402 0.51 2.24 -23.29
CA GLN A 402 -0.72 1.85 -22.55
C GLN A 402 -0.63 0.36 -22.31
N GLN A 403 -0.92 -0.08 -21.09
CA GLN A 403 -0.87 -1.53 -20.75
C GLN A 403 -1.76 -2.28 -21.75
N GLU A 404 -1.22 -3.28 -22.44
CA GLU A 404 -2.03 -4.15 -23.34
C GLU A 404 -2.82 -5.12 -22.44
N VAL A 405 -4.11 -5.26 -22.69
CA VAL A 405 -4.96 -6.30 -22.02
C VAL A 405 -5.59 -7.16 -23.10
N LYS A 406 -5.20 -8.42 -23.23
CA LYS A 406 -5.79 -9.33 -24.26
C LYS A 406 -7.21 -9.70 -23.82
N ASN A 407 -8.10 -9.88 -24.80
CA ASN A 407 -9.48 -10.42 -24.63
C ASN A 407 -10.33 -9.32 -24.02
N PHE A 408 -9.99 -8.06 -24.29
CA PHE A 408 -10.60 -6.90 -23.62
C PHE A 408 -10.87 -5.82 -24.65
N THR A 409 -12.10 -5.31 -24.65
CA THR A 409 -12.53 -4.12 -25.43
C THR A 409 -13.11 -3.10 -24.47
N PRO A 410 -12.41 -1.96 -24.20
CA PRO A 410 -12.88 -0.99 -23.20
C PRO A 410 -14.33 -0.51 -23.41
N GLU A 411 -14.82 -0.51 -24.66
CA GLU A 411 -16.16 0.08 -24.98
C GLU A 411 -17.27 -0.77 -24.35
N ASN A 412 -16.97 -2.02 -23.95
CA ASN A 412 -17.89 -2.97 -23.29
C ASN A 412 -18.22 -2.59 -21.84
N TYR A 413 -17.47 -1.67 -21.22
CA TYR A 413 -17.60 -1.37 -19.78
C TYR A 413 -17.95 0.10 -19.61
N ARG A 414 -18.72 0.44 -18.57
CA ARG A 414 -18.99 1.87 -18.25
C ARG A 414 -18.81 2.08 -16.74
N SER A 415 -18.40 3.29 -16.38
CA SER A 415 -18.05 3.67 -14.98
C SER A 415 -18.85 4.91 -14.62
N GLU A 416 -19.11 5.13 -13.33
CA GLU A 416 -19.79 6.32 -12.78
C GLU A 416 -19.18 6.66 -11.43
N ARG A 417 -19.12 7.96 -11.18
CA ARG A 417 -18.93 8.58 -9.86
C ARG A 417 -20.33 8.81 -9.31
N VAL A 418 -20.74 8.14 -8.24
CA VAL A 418 -22.00 8.50 -7.55
C VAL A 418 -21.65 9.02 -6.15
N TRP A 419 -22.45 9.98 -5.67
CA TRP A 419 -22.37 10.56 -4.31
C TRP A 419 -23.50 9.95 -3.48
N VAL A 420 -23.18 9.45 -2.28
CA VAL A 420 -24.18 8.83 -1.37
C VAL A 420 -24.24 9.73 -0.15
N LYS A 421 -25.44 10.17 0.23
CA LYS A 421 -25.65 10.95 1.49
C LYS A 421 -25.65 9.94 2.64
N ALA A 422 -24.68 10.06 3.57
CA ALA A 422 -24.53 9.16 4.74
C ALA A 422 -25.59 9.50 5.80
N ARG A 423 -25.75 8.64 6.82
CA ARG A 423 -26.77 8.81 7.88
C ARG A 423 -26.63 10.18 8.58
N ASP A 424 -25.47 10.82 8.54
CA ASP A 424 -25.23 12.14 9.18
C ASP A 424 -25.26 13.28 8.14
N GLY A 425 -25.76 13.02 6.93
CA GLY A 425 -25.93 14.06 5.90
C GLY A 425 -24.66 14.32 5.09
N VAL A 426 -23.54 13.69 5.42
CA VAL A 426 -22.24 13.93 4.71
C VAL A 426 -22.23 13.08 3.43
N GLU A 427 -21.76 13.66 2.32
CA GLU A 427 -21.76 13.05 0.96
C GLU A 427 -20.48 12.24 0.75
N VAL A 428 -20.64 10.94 0.47
CA VAL A 428 -19.53 9.96 0.34
C VAL A 428 -19.41 9.61 -1.13
N PRO A 429 -18.22 9.82 -1.73
CA PRO A 429 -18.01 9.49 -3.13
C PRO A 429 -17.83 7.98 -3.32
N VAL A 430 -18.37 7.52 -4.45
CA VAL A 430 -18.38 6.10 -4.90
C VAL A 430 -17.97 6.07 -6.37
N SER A 431 -17.09 5.14 -6.72
CA SER A 431 -16.66 4.88 -8.12
C SER A 431 -17.13 3.47 -8.44
N LEU A 432 -17.90 3.29 -9.51
CA LEU A 432 -18.31 1.92 -9.86
C LEU A 432 -18.16 1.68 -11.36
N VAL A 433 -18.01 0.42 -11.74
CA VAL A 433 -17.77 -0.01 -13.13
C VAL A 433 -18.52 -1.32 -13.37
N TYR A 434 -19.04 -1.52 -14.58
CA TYR A 434 -19.73 -2.78 -14.95
C TYR A 434 -19.72 -2.95 -16.47
N ARG A 435 -20.00 -4.18 -16.92
CA ARG A 435 -20.19 -4.50 -18.33
C ARG A 435 -21.60 -4.04 -18.72
N HIS A 436 -21.68 -3.07 -19.62
CA HIS A 436 -22.94 -2.45 -20.08
C HIS A 436 -23.95 -3.49 -20.57
N ASP A 437 -23.53 -4.44 -21.42
CA ASP A 437 -24.47 -5.30 -22.19
C ASP A 437 -25.09 -6.38 -21.29
N SER A 438 -24.58 -6.57 -20.06
CA SER A 438 -25.08 -7.56 -19.07
C SER A 438 -25.74 -6.83 -17.88
N PHE A 439 -25.79 -5.49 -17.91
CA PHE A 439 -26.32 -4.70 -16.78
C PHE A 439 -27.83 -4.59 -16.89
N ALA A 440 -28.52 -4.82 -15.78
CA ALA A 440 -29.98 -4.58 -15.63
C ALA A 440 -30.27 -4.22 -14.19
N ARG A 441 -30.93 -3.08 -13.96
CA ARG A 441 -31.18 -2.54 -12.59
C ARG A 441 -31.82 -3.68 -11.78
N GLY A 442 -31.20 -4.03 -10.64
CA GLY A 442 -31.73 -4.97 -9.64
C GLY A 442 -31.16 -6.37 -9.77
N THR A 443 -30.36 -6.67 -10.79
CA THR A 443 -30.06 -8.08 -11.17
C THR A 443 -28.59 -8.47 -10.98
N ASN A 444 -27.68 -7.49 -10.95
CA ASN A 444 -26.22 -7.69 -11.06
C ASN A 444 -25.64 -7.88 -9.67
N PRO A 445 -24.80 -8.91 -9.41
CA PRO A 445 -24.06 -8.98 -8.15
C PRO A 445 -23.21 -7.72 -7.98
N LEU A 446 -23.11 -7.26 -6.74
CA LEU A 446 -22.28 -6.13 -6.28
C LEU A 446 -21.00 -6.73 -5.70
N MET A 447 -19.84 -6.19 -6.05
CA MET A 447 -18.61 -6.38 -5.24
C MET A 447 -18.20 -4.99 -4.74
N VAL A 448 -18.43 -4.71 -3.45
CA VAL A 448 -18.10 -3.41 -2.79
C VAL A 448 -16.76 -3.58 -2.05
N TYR A 449 -15.81 -2.71 -2.38
CA TYR A 449 -14.41 -2.74 -1.88
C TYR A 449 -14.15 -1.45 -1.09
N GLY A 450 -13.59 -1.59 0.10
CA GLY A 450 -13.19 -0.44 0.93
C GLY A 450 -11.87 -0.68 1.62
N TYR A 451 -11.25 0.39 2.08
CA TYR A 451 -10.06 0.37 2.95
C TYR A 451 -10.37 1.30 4.13
N GLY A 452 -10.21 2.62 3.94
CA GLY A 452 -10.75 3.67 4.84
C GLY A 452 -9.91 3.87 6.10
N SER A 453 -8.59 3.71 6.04
CA SER A 453 -7.70 4.03 7.18
C SER A 453 -6.49 4.81 6.68
N TYR A 454 -5.84 5.51 7.59
CA TYR A 454 -4.52 6.16 7.42
C TYR A 454 -4.59 7.32 6.42
N GLY A 455 -5.75 7.68 5.87
CA GLY A 455 -5.83 8.71 4.81
C GLY A 455 -5.28 8.20 3.48
N SER A 456 -5.08 6.89 3.34
CA SER A 456 -4.83 6.23 2.04
C SER A 456 -6.12 6.39 1.24
N SER A 457 -6.01 6.60 -0.06
CA SER A 457 -7.15 6.72 -0.99
C SER A 457 -7.26 5.45 -1.85
N MET A 458 -8.44 4.88 -1.99
CA MET A 458 -8.70 3.79 -2.98
C MET A 458 -8.95 4.45 -4.34
N ASP A 459 -7.91 4.96 -4.99
CA ASP A 459 -8.09 5.71 -6.25
C ASP A 459 -8.56 4.77 -7.35
N PRO A 460 -9.58 5.18 -8.14
CA PRO A 460 -10.10 4.36 -9.22
C PRO A 460 -9.03 4.12 -10.30
N ALA A 461 -8.61 2.88 -10.48
CA ALA A 461 -7.58 2.45 -11.44
C ALA A 461 -8.06 1.19 -12.16
N PHE A 462 -7.43 0.87 -13.28
CA PHE A 462 -7.80 -0.29 -14.11
C PHE A 462 -7.35 -1.56 -13.42
N SER A 463 -8.16 -2.62 -13.41
CA SER A 463 -7.73 -4.00 -13.01
C SER A 463 -8.11 -4.99 -14.11
N ALA A 464 -7.12 -5.70 -14.66
CA ALA A 464 -7.31 -6.79 -15.65
C ALA A 464 -7.96 -8.02 -14.99
N SER A 465 -7.52 -8.42 -13.80
CA SER A 465 -8.09 -9.54 -13.00
C SER A 465 -9.57 -9.30 -12.72
N ARG A 466 -9.96 -8.03 -12.52
CA ARG A 466 -11.35 -7.59 -12.20
C ARG A 466 -12.32 -7.93 -13.33
N LEU A 467 -11.85 -7.93 -14.58
CA LEU A 467 -12.66 -8.35 -15.77
C LEU A 467 -13.29 -9.73 -15.52
N SER A 468 -12.67 -10.58 -14.69
CA SER A 468 -13.26 -11.91 -14.36
C SER A 468 -14.60 -11.75 -13.63
N LEU A 469 -14.80 -10.65 -12.91
CA LEU A 469 -16.08 -10.38 -12.24
C LEU A 469 -17.01 -9.59 -13.17
N LEU A 470 -16.48 -8.57 -13.88
CA LEU A 470 -17.26 -7.69 -14.79
C LEU A 470 -17.83 -8.54 -15.93
N ASP A 471 -17.11 -9.56 -16.38
CA ASP A 471 -17.55 -10.37 -17.54
C ASP A 471 -18.51 -11.47 -17.05
N ARG A 472 -18.85 -11.51 -15.76
CA ARG A 472 -19.87 -12.41 -15.17
C ARG A 472 -20.91 -11.54 -14.45
N GLY A 473 -21.14 -10.35 -14.99
CA GLY A 473 -22.24 -9.43 -14.61
C GLY A 473 -22.04 -8.61 -13.33
N PHE A 474 -20.88 -8.65 -12.68
CA PHE A 474 -20.66 -7.90 -11.41
C PHE A 474 -20.56 -6.41 -11.69
N VAL A 475 -21.17 -5.61 -10.79
CA VAL A 475 -20.86 -4.16 -10.61
C VAL A 475 -19.76 -4.07 -9.55
N PHE A 476 -18.53 -3.66 -9.93
CA PHE A 476 -17.41 -3.42 -8.96
C PHE A 476 -17.47 -2.00 -8.42
N VAL A 477 -17.42 -1.87 -7.09
CA VAL A 477 -17.58 -0.57 -6.38
C VAL A 477 -16.37 -0.33 -5.49
N LEU A 478 -15.79 0.88 -5.61
CA LEU A 478 -14.91 1.50 -4.61
C LEU A 478 -15.74 2.47 -3.77
N ALA A 479 -15.92 2.14 -2.49
CA ALA A 479 -16.55 3.06 -1.52
C ALA A 479 -15.46 3.93 -0.88
N HIS A 480 -15.44 5.22 -1.23
CA HIS A 480 -14.42 6.21 -0.80
C HIS A 480 -14.77 6.72 0.60
N ILE A 481 -14.81 5.82 1.57
CA ILE A 481 -15.34 6.04 2.95
C ILE A 481 -14.38 6.91 3.76
N ARG A 482 -14.92 7.64 4.72
CA ARG A 482 -14.13 8.43 5.71
C ARG A 482 -13.10 7.54 6.42
N GLY A 483 -11.93 8.12 6.73
CA GLY A 483 -10.71 7.40 7.19
C GLY A 483 -9.70 7.31 6.06
N GLY A 484 -10.20 7.24 4.82
CA GLY A 484 -9.41 7.39 3.60
C GLY A 484 -9.11 8.85 3.34
N GLY A 485 -8.37 9.14 2.26
CA GLY A 485 -7.90 10.51 1.96
C GLY A 485 -8.64 11.16 0.81
N GLU A 486 -9.71 10.53 0.30
CA GLU A 486 -10.28 10.90 -1.03
C GLU A 486 -10.70 12.38 -1.06
N LEU A 487 -11.26 12.94 0.03
CA LEU A 487 -11.67 14.39 0.09
C LEU A 487 -10.74 15.22 0.99
N GLY A 488 -9.43 14.91 1.06
CA GLY A 488 -8.45 15.71 1.83
C GLY A 488 -8.31 15.31 3.29
N GLN A 489 -7.51 16.06 4.04
CA GLN A 489 -7.15 15.76 5.44
C GLN A 489 -8.39 15.59 6.33
N LEU A 490 -9.45 16.40 6.18
CA LEU A 490 -10.63 16.34 7.10
C LEU A 490 -11.40 15.03 6.89
N TRP A 491 -11.42 14.51 5.66
CA TRP A 491 -12.03 13.20 5.34
C TRP A 491 -11.34 12.09 6.14
N TYR A 492 -10.01 12.14 6.20
CA TYR A 492 -9.18 11.20 6.99
C TYR A 492 -9.51 11.34 8.49
N GLU A 493 -9.44 12.58 9.01
CA GLU A 493 -9.61 12.84 10.46
C GLU A 493 -11.03 12.49 10.90
N ASP A 494 -12.02 12.63 10.01
CA ASP A 494 -13.44 12.30 10.28
C ASP A 494 -13.67 10.77 10.20
N GLY A 495 -12.63 9.96 10.06
CA GLY A 495 -12.72 8.49 10.08
C GLY A 495 -11.52 7.85 10.77
N LYS A 496 -11.06 8.43 11.87
CA LYS A 496 -10.08 7.77 12.76
C LYS A 496 -10.30 8.31 14.18
N LEU A 497 -9.58 7.78 15.16
CA LEU A 497 -9.69 8.18 16.60
C LEU A 497 -11.17 8.11 17.03
N PHE A 498 -11.72 9.16 17.64
CA PHE A 498 -13.14 9.13 18.14
C PHE A 498 -14.15 9.26 16.98
N LYS A 499 -13.68 9.14 15.73
CA LYS A 499 -14.54 9.15 14.50
C LYS A 499 -14.39 7.85 13.71
N LYS A 500 -13.63 6.86 14.17
CA LYS A 500 -13.41 5.64 13.37
C LYS A 500 -14.73 4.97 12.96
N GLN A 501 -15.79 5.03 13.78
CA GLN A 501 -17.09 4.36 13.45
C GLN A 501 -17.65 4.90 12.13
N ASN A 502 -17.31 6.12 11.73
CA ASN A 502 -17.76 6.71 10.43
C ASN A 502 -17.26 5.87 9.24
N THR A 503 -16.11 5.20 9.37
CA THR A 503 -15.55 4.34 8.30
C THR A 503 -16.55 3.24 7.96
N PHE A 504 -17.10 2.63 9.01
CA PHE A 504 -17.95 1.41 8.94
C PHE A 504 -19.37 1.83 8.54
N ASN A 505 -19.87 2.89 9.17
CA ASN A 505 -21.18 3.51 8.85
C ASN A 505 -21.19 3.85 7.36
N ASP A 506 -20.14 4.53 6.87
CA ASP A 506 -20.04 5.02 5.48
C ASP A 506 -20.17 3.82 4.53
N PHE A 507 -19.49 2.71 4.82
CA PHE A 507 -19.46 1.49 3.98
C PHE A 507 -20.85 0.85 3.90
N ILE A 508 -21.53 0.71 5.05
CA ILE A 508 -22.95 0.21 5.13
C ILE A 508 -23.86 1.18 4.36
N ASP A 509 -23.71 2.49 4.54
CA ASP A 509 -24.61 3.52 3.97
C ASP A 509 -24.48 3.47 2.45
N VAL A 510 -23.24 3.43 1.93
CA VAL A 510 -22.95 3.29 0.48
C VAL A 510 -23.62 2.02 -0.05
N THR A 511 -23.43 0.88 0.63
CA THR A 511 -23.95 -0.43 0.18
C THR A 511 -25.49 -0.37 0.08
N GLU A 512 -26.15 0.22 1.09
CA GLU A 512 -27.63 0.31 1.12
C GLU A 512 -28.11 1.28 0.02
N ALA A 513 -27.47 2.43 -0.17
CA ALA A 513 -27.84 3.40 -1.23
C ALA A 513 -27.80 2.68 -2.59
N LEU A 514 -26.78 1.86 -2.80
CA LEU A 514 -26.54 1.23 -4.12
C LEU A 514 -27.66 0.21 -4.41
N ILE A 515 -28.04 -0.59 -3.41
CA ILE A 515 -29.14 -1.61 -3.53
C ILE A 515 -30.47 -0.89 -3.77
N ALA A 516 -30.76 0.15 -3.01
CA ALA A 516 -31.98 0.98 -3.09
C ALA A 516 -32.14 1.57 -4.50
N GLN A 517 -31.03 1.94 -5.17
CA GLN A 517 -31.05 2.69 -6.46
C GLN A 517 -30.95 1.73 -7.65
N GLY A 518 -30.85 0.42 -7.38
CA GLY A 518 -30.93 -0.65 -8.39
C GLY A 518 -29.60 -0.98 -9.08
N TYR A 519 -28.45 -0.65 -8.49
CA TYR A 519 -27.13 -0.93 -9.10
C TYR A 519 -26.81 -2.39 -8.87
N GLY A 520 -27.37 -2.98 -7.81
CA GLY A 520 -27.04 -4.35 -7.37
C GLY A 520 -28.28 -5.14 -7.01
N ASP A 521 -28.14 -6.46 -7.08
CA ASP A 521 -29.10 -7.46 -6.57
C ASP A 521 -28.88 -7.61 -5.05
N ALA A 522 -29.94 -7.35 -4.27
CA ALA A 522 -29.94 -7.33 -2.79
C ALA A 522 -29.55 -8.70 -2.24
N LYS A 523 -29.77 -9.78 -3.00
CA LYS A 523 -29.41 -11.16 -2.57
C LYS A 523 -27.97 -11.50 -2.95
N ARG A 524 -27.28 -10.67 -3.73
CA ARG A 524 -25.94 -11.02 -4.28
C ARG A 524 -24.96 -9.88 -4.04
N VAL A 525 -24.88 -9.45 -2.78
CA VAL A 525 -23.99 -8.35 -2.32
C VAL A 525 -22.76 -8.95 -1.64
N PHE A 526 -21.60 -8.74 -2.25
CA PHE A 526 -20.29 -9.21 -1.74
C PHE A 526 -19.43 -7.99 -1.39
N ALA A 527 -18.58 -8.16 -0.39
CA ALA A 527 -17.60 -7.16 0.07
C ALA A 527 -16.24 -7.84 0.17
N MET A 528 -15.19 -7.05 -0.04
CA MET A 528 -13.77 -7.44 0.14
C MET A 528 -13.02 -6.27 0.76
N GLY A 529 -12.13 -6.58 1.67
CA GLY A 529 -11.17 -5.64 2.26
C GLY A 529 -9.98 -6.40 2.79
N GLY A 530 -8.84 -5.74 2.82
CA GLY A 530 -7.58 -6.32 3.32
C GLY A 530 -6.89 -5.38 4.27
N SER A 531 -6.36 -5.98 5.33
CA SER A 531 -5.55 -5.32 6.37
C SER A 531 -6.43 -4.33 7.12
N ALA A 532 -6.20 -3.01 7.03
CA ALA A 532 -7.14 -2.03 7.63
C ALA A 532 -8.53 -2.17 7.00
N GLY A 533 -8.61 -2.65 5.76
CA GLY A 533 -9.86 -3.01 5.04
C GLY A 533 -10.45 -4.29 5.61
N GLY A 534 -9.63 -5.12 6.25
CA GLY A 534 -10.06 -6.29 7.02
C GLY A 534 -10.69 -5.92 8.35
N LEU A 535 -10.18 -4.90 9.04
CA LEU A 535 -10.86 -4.19 10.16
C LEU A 535 -12.26 -3.78 9.68
N LEU A 536 -12.35 -3.04 8.58
CA LEU A 536 -13.65 -2.69 7.93
C LEU A 536 -14.55 -3.95 7.78
N MET A 537 -14.09 -4.99 7.08
CA MET A 537 -14.86 -6.25 6.89
C MET A 537 -15.36 -6.71 8.26
N GLY A 538 -14.49 -6.76 9.27
CA GLY A 538 -14.80 -7.38 10.57
C GLY A 538 -15.87 -6.59 11.31
N ALA A 539 -15.74 -5.27 11.36
CA ALA A 539 -16.69 -4.38 12.05
C ALA A 539 -18.04 -4.47 11.35
N VAL A 540 -18.10 -4.40 10.01
CA VAL A 540 -19.41 -4.32 9.30
C VAL A 540 -20.16 -5.65 9.45
N ILE A 541 -19.48 -6.80 9.50
CA ILE A 541 -20.20 -8.11 9.64
C ILE A 541 -20.69 -8.27 11.09
N ASN A 542 -20.04 -7.67 12.09
CA ASN A 542 -20.58 -7.63 13.48
C ASN A 542 -21.85 -6.73 13.49
N GLN A 543 -21.80 -5.59 12.80
CA GLN A 543 -22.82 -4.52 12.90
C GLN A 543 -24.00 -4.76 11.95
N ALA A 544 -23.72 -5.22 10.72
CA ALA A 544 -24.70 -5.39 9.63
C ALA A 544 -24.48 -6.71 8.91
N PRO A 545 -24.52 -7.84 9.64
CA PRO A 545 -24.19 -9.15 9.08
C PRO A 545 -25.06 -9.59 7.89
N GLU A 546 -26.34 -9.20 7.90
CA GLU A 546 -27.37 -9.68 6.96
C GLU A 546 -27.27 -8.90 5.63
N LEU A 547 -26.53 -7.80 5.61
CA LEU A 547 -26.33 -6.94 4.39
C LEU A 547 -25.60 -7.74 3.29
N PHE A 548 -24.57 -8.50 3.67
CA PHE A 548 -23.64 -9.15 2.70
C PHE A 548 -24.01 -10.63 2.57
N ASN A 549 -24.01 -11.14 1.34
CA ASN A 549 -24.12 -12.57 1.02
C ASN A 549 -22.79 -13.26 1.39
N GLY A 550 -21.66 -12.65 1.00
CA GLY A 550 -20.30 -13.22 1.20
C GLY A 550 -19.24 -12.13 1.35
N ILE A 551 -18.15 -12.49 2.01
CA ILE A 551 -17.07 -11.58 2.46
C ILE A 551 -15.71 -12.22 2.17
N VAL A 552 -14.76 -11.47 1.58
CA VAL A 552 -13.32 -11.84 1.61
C VAL A 552 -12.59 -10.81 2.48
N ALA A 553 -11.92 -11.29 3.53
CA ALA A 553 -11.19 -10.47 4.52
C ALA A 553 -9.72 -10.86 4.50
N GLN A 554 -8.88 -10.08 3.84
CA GLN A 554 -7.45 -10.46 3.65
C GLN A 554 -6.65 -9.85 4.80
N VAL A 555 -5.64 -10.57 5.28
CA VAL A 555 -4.67 -10.13 6.32
C VAL A 555 -5.34 -9.14 7.26
N PRO A 556 -6.49 -9.52 7.89
CA PRO A 556 -7.35 -8.54 8.55
C PRO A 556 -6.87 -8.14 9.95
N PHE A 557 -6.91 -6.84 10.22
CA PHE A 557 -6.62 -6.23 11.53
C PHE A 557 -7.90 -6.24 12.38
N VAL A 558 -8.02 -7.20 13.31
CA VAL A 558 -9.30 -7.54 14.00
C VAL A 558 -9.15 -7.56 15.54
N ASP A 559 -7.95 -7.83 16.08
CA ASP A 559 -7.62 -7.92 17.52
C ASP A 559 -7.18 -6.54 18.02
N VAL A 560 -7.99 -5.52 17.73
CA VAL A 560 -7.51 -4.11 17.78
C VAL A 560 -7.07 -3.77 19.20
N VAL A 561 -7.93 -3.97 20.20
CA VAL A 561 -7.68 -3.54 21.60
C VAL A 561 -6.44 -4.27 22.18
N THR A 562 -6.36 -5.59 22.10
CA THR A 562 -5.19 -6.40 22.60
C THR A 562 -3.92 -5.92 21.89
N THR A 563 -3.98 -5.69 20.57
CA THR A 563 -2.78 -5.30 19.76
C THR A 563 -2.29 -3.92 20.21
N MET A 564 -3.21 -2.96 20.34
CA MET A 564 -2.83 -1.55 20.62
C MET A 564 -2.42 -1.36 22.10
N LEU A 565 -2.74 -2.34 22.94
CA LEU A 565 -2.26 -2.40 24.35
C LEU A 565 -0.83 -3.00 24.43
N ASP A 566 -0.30 -3.56 23.34
CA ASP A 566 0.98 -4.30 23.42
C ASP A 566 2.06 -3.66 22.54
N GLU A 567 2.98 -2.90 23.14
CA GLU A 567 4.14 -2.27 22.45
C GLU A 567 5.10 -3.33 21.88
N SER A 568 5.01 -4.61 22.27
CA SER A 568 5.97 -5.65 21.78
C SER A 568 5.65 -6.00 20.32
N ILE A 569 4.44 -5.70 19.85
CA ILE A 569 3.99 -6.20 18.53
C ILE A 569 4.16 -5.09 17.48
N PRO A 570 4.70 -5.48 16.30
CA PRO A 570 5.04 -4.54 15.22
C PRO A 570 3.89 -3.59 14.84
N LEU A 571 4.24 -2.32 14.69
CA LEU A 571 3.39 -1.18 14.19
C LEU A 571 2.57 -0.53 15.32
N THR A 572 2.53 -1.09 16.54
CA THR A 572 1.59 -0.65 17.60
C THR A 572 1.95 0.79 18.00
N THR A 573 3.20 1.02 18.33
CA THR A 573 3.65 2.32 18.90
C THR A 573 3.47 3.43 17.86
N GLY A 574 3.38 3.13 16.56
CA GLY A 574 3.22 4.11 15.46
C GLY A 574 1.76 4.45 15.14
N GLU A 575 0.78 3.87 15.83
CA GLU A 575 -0.65 3.94 15.45
C GLU A 575 -1.48 4.51 16.59
N TYR A 576 -0.88 5.16 17.60
CA TYR A 576 -1.68 5.71 18.74
C TYR A 576 -2.54 6.89 18.27
N ASP A 577 -2.11 7.59 17.21
CA ASP A 577 -2.88 8.73 16.65
C ASP A 577 -3.68 8.26 15.43
N GLU A 578 -3.93 6.97 15.31
CA GLU A 578 -4.83 6.42 14.26
C GLU A 578 -6.11 5.95 14.93
N TRP A 579 -6.01 4.89 15.74
CA TRP A 579 -7.16 4.29 16.48
C TRP A 579 -7.31 5.01 17.83
N GLY A 580 -6.19 5.40 18.43
CA GLY A 580 -6.13 5.89 19.81
C GLY A 580 -5.16 5.06 20.63
N ASN A 581 -4.89 5.50 21.86
CA ASN A 581 -4.01 4.82 22.83
C ASN A 581 -4.88 4.18 23.90
N PRO A 582 -5.10 2.85 23.86
CA PRO A 582 -6.05 2.23 24.78
C PRO A 582 -5.52 2.04 26.22
N ASN A 583 -4.33 2.57 26.51
CA ASN A 583 -3.87 2.77 27.91
C ASN A 583 -4.73 3.90 28.50
N GLN A 584 -5.28 4.78 27.66
CA GLN A 584 -6.27 5.80 28.08
C GLN A 584 -7.67 5.19 28.00
N GLN A 585 -8.46 5.41 29.06
CA GLN A 585 -9.82 4.81 29.20
C GLN A 585 -10.74 5.25 28.06
N ALA A 586 -10.88 6.54 27.76
CA ALA A 586 -11.76 7.05 26.68
C ALA A 586 -11.50 6.25 25.40
N TYR A 587 -10.23 6.13 24.98
CA TYR A 587 -9.84 5.41 23.74
C TYR A 587 -10.17 3.93 23.90
N TYR A 588 -9.87 3.34 25.08
CA TYR A 588 -10.12 1.90 25.32
C TYR A 588 -11.61 1.63 25.06
N ASP A 589 -12.49 2.44 25.63
CA ASP A 589 -13.96 2.22 25.56
C ASP A 589 -14.42 2.44 24.12
N TYR A 590 -13.94 3.49 23.46
CA TYR A 590 -14.39 3.81 22.08
C TYR A 590 -13.97 2.65 21.15
N ILE A 591 -12.70 2.23 21.22
CA ILE A 591 -12.13 1.20 20.29
C ILE A 591 -12.83 -0.16 20.53
N LEU A 592 -13.05 -0.54 21.79
CA LEU A 592 -13.65 -1.85 22.21
C LEU A 592 -15.00 -2.04 21.50
N GLN A 593 -15.75 -0.95 21.28
CA GLN A 593 -17.12 -0.96 20.68
C GLN A 593 -17.05 -1.41 19.22
N TYR A 594 -15.93 -1.25 18.52
CA TYR A 594 -15.79 -1.71 17.11
C TYR A 594 -14.70 -2.79 16.91
N SER A 595 -13.77 -3.00 17.84
CA SER A 595 -12.70 -4.02 17.70
C SER A 595 -13.33 -5.37 17.33
N PRO A 596 -13.18 -5.84 16.07
CA PRO A 596 -13.97 -6.96 15.56
C PRO A 596 -13.85 -8.25 16.39
N TYR A 597 -12.65 -8.63 16.84
CA TYR A 597 -12.41 -9.85 17.65
C TYR A 597 -13.28 -9.78 18.92
N ASP A 598 -13.30 -8.61 19.56
CA ASP A 598 -13.99 -8.42 20.86
C ASP A 598 -15.51 -8.40 20.68
N GLN A 599 -16.02 -8.16 19.46
CA GLN A 599 -17.48 -7.92 19.21
C GLN A 599 -18.09 -9.09 18.43
N VAL A 600 -17.33 -10.16 18.15
CA VAL A 600 -17.89 -11.43 17.64
C VAL A 600 -18.96 -11.87 18.66
N LYS A 601 -20.15 -12.32 18.22
CA LYS A 601 -21.22 -12.82 19.13
C LYS A 601 -22.13 -13.84 18.43
N ALA A 602 -23.08 -14.41 19.18
CA ALA A 602 -24.07 -15.40 18.71
C ALA A 602 -25.05 -14.72 17.77
N GLN A 603 -24.74 -14.71 16.47
CA GLN A 603 -25.64 -14.20 15.40
C GLN A 603 -25.23 -14.88 14.11
N ASP A 604 -26.07 -14.73 13.09
CA ASP A 604 -25.84 -15.27 11.73
C ASP A 604 -24.85 -14.36 10.99
N TYR A 605 -23.68 -14.87 10.56
CA TYR A 605 -22.66 -14.12 9.78
C TYR A 605 -22.78 -14.53 8.32
N PRO A 606 -22.39 -13.66 7.36
CA PRO A 606 -22.32 -14.06 5.96
C PRO A 606 -21.26 -15.15 5.75
N HIS A 607 -21.27 -15.77 4.56
CA HIS A 607 -20.15 -16.63 4.07
C HIS A 607 -18.88 -15.79 4.13
N MET A 608 -17.77 -16.35 4.61
CA MET A 608 -16.50 -15.62 4.88
C MET A 608 -15.31 -16.44 4.40
N LEU A 609 -14.41 -15.83 3.63
CA LEU A 609 -13.05 -16.36 3.36
C LEU A 609 -12.05 -15.38 3.97
N VAL A 610 -11.29 -15.85 4.93
CA VAL A 610 -10.21 -15.12 5.63
C VAL A 610 -8.89 -15.69 5.10
N THR A 611 -8.04 -14.81 4.58
CA THR A 611 -6.66 -15.15 4.13
C THR A 611 -5.66 -14.45 5.04
N THR A 612 -4.52 -15.09 5.26
CA THR A 612 -3.36 -14.46 5.92
C THR A 612 -2.07 -15.07 5.35
N GLY A 613 -0.93 -14.54 5.78
CA GLY A 613 0.38 -15.14 5.52
C GLY A 613 1.11 -15.32 6.83
N LEU A 614 1.79 -16.45 7.00
CA LEU A 614 2.46 -16.76 8.27
C LEU A 614 3.45 -15.65 8.60
N HIS A 615 4.16 -15.12 7.60
CA HIS A 615 5.27 -14.15 7.80
C HIS A 615 4.74 -12.72 7.88
N ASP A 616 3.43 -12.51 7.75
CA ASP A 616 2.86 -11.14 7.66
C ASP A 616 3.42 -10.31 8.82
N SER A 617 4.14 -9.22 8.51
CA SER A 617 4.90 -8.37 9.44
C SER A 617 4.08 -7.15 9.88
N GLN A 618 2.92 -6.93 9.28
CA GLN A 618 2.13 -5.69 9.51
C GLN A 618 0.93 -6.07 10.37
N VAL A 619 0.24 -7.14 9.98
CA VAL A 619 -0.83 -7.79 10.79
C VAL A 619 -0.37 -9.23 11.07
N GLN A 620 0.07 -9.50 12.30
CA GLN A 620 0.62 -10.84 12.64
C GLN A 620 -0.48 -11.86 12.40
N TYR A 621 -0.08 -13.06 11.97
CA TYR A 621 -0.93 -14.17 11.47
C TYR A 621 -1.97 -14.59 12.51
N TRP A 622 -1.68 -14.42 13.80
CA TRP A 622 -2.57 -14.89 14.89
C TRP A 622 -3.89 -14.08 14.93
N GLU A 623 -3.91 -12.82 14.49
CA GLU A 623 -5.17 -12.01 14.53
C GLU A 623 -6.27 -12.71 13.76
N PRO A 624 -6.11 -13.02 12.44
CA PRO A 624 -7.16 -13.73 11.71
C PRO A 624 -7.40 -15.16 12.25
N ALA A 625 -6.36 -15.83 12.75
CA ALA A 625 -6.45 -17.22 13.26
C ALA A 625 -7.39 -17.25 14.48
N LYS A 626 -7.13 -16.39 15.46
CA LYS A 626 -7.97 -16.21 16.67
C LYS A 626 -9.39 -15.84 16.27
N TRP A 627 -9.52 -14.91 15.32
CA TRP A 627 -10.81 -14.34 14.88
C TRP A 627 -11.67 -15.46 14.30
N VAL A 628 -11.10 -16.31 13.45
CA VAL A 628 -11.81 -17.50 12.88
C VAL A 628 -12.16 -18.47 14.02
N ALA A 629 -11.23 -18.78 14.93
CA ALA A 629 -11.49 -19.69 16.08
C ALA A 629 -12.72 -19.20 16.86
N LYS A 630 -12.75 -17.91 17.21
CA LYS A 630 -13.81 -17.31 18.05
C LYS A 630 -15.12 -17.27 17.25
N LEU A 631 -15.06 -16.99 15.94
CA LEU A 631 -16.27 -16.98 15.06
C LEU A 631 -16.90 -18.39 15.01
N ARG A 632 -16.07 -19.43 14.86
CA ARG A 632 -16.50 -20.85 14.72
C ARG A 632 -17.25 -21.28 15.98
N GLU A 633 -16.77 -20.83 17.15
CA GLU A 633 -17.36 -21.21 18.45
C GLU A 633 -18.72 -20.54 18.65
N LEU A 634 -18.94 -19.30 18.18
CA LEU A 634 -20.10 -18.45 18.59
C LEU A 634 -21.13 -18.26 17.46
N LYS A 635 -20.77 -18.40 16.19
CA LYS A 635 -21.70 -18.11 15.06
C LYS A 635 -22.89 -19.07 15.17
N THR A 636 -24.08 -18.65 14.72
CA THR A 636 -25.34 -19.44 14.78
C THR A 636 -25.73 -19.94 13.37
N ASP A 637 -25.25 -19.27 12.31
CA ASP A 637 -25.44 -19.72 10.90
C ASP A 637 -24.64 -21.03 10.67
N ASP A 638 -24.87 -21.74 9.58
CA ASP A 638 -23.91 -22.78 9.10
C ASP A 638 -23.46 -22.42 7.68
N ARG A 639 -23.23 -21.14 7.39
CA ARG A 639 -22.61 -20.67 6.12
C ARG A 639 -21.10 -20.94 6.17
N GLN A 640 -20.46 -20.94 5.00
CA GLN A 640 -19.00 -21.14 4.84
C GLN A 640 -18.22 -20.14 5.70
N LEU A 641 -17.23 -20.65 6.44
CA LEU A 641 -16.21 -19.85 7.14
C LEU A 641 -14.87 -20.56 6.94
N LEU A 642 -14.02 -20.04 6.06
CA LEU A 642 -12.74 -20.67 5.73
C LEU A 642 -11.58 -19.74 6.11
N LEU A 643 -10.53 -20.31 6.69
CA LEU A 643 -9.21 -19.67 6.90
C LEU A 643 -8.20 -20.33 5.93
N TYR A 644 -7.57 -19.51 5.09
CA TYR A 644 -6.42 -19.86 4.23
C TYR A 644 -5.18 -19.13 4.77
N THR A 645 -4.22 -19.91 5.28
CA THR A 645 -2.90 -19.40 5.72
C THR A 645 -1.88 -19.84 4.68
N ASP A 646 -1.28 -18.88 3.98
CA ASP A 646 -0.13 -19.13 3.08
C ASP A 646 1.12 -19.23 3.95
N MET A 647 1.73 -20.40 4.07
CA MET A 647 2.92 -20.61 4.93
C MET A 647 4.13 -19.83 4.41
N ASP A 648 4.11 -19.35 3.16
CA ASP A 648 5.33 -18.80 2.48
C ASP A 648 5.10 -17.37 1.98
N SER A 649 4.12 -16.63 2.50
CA SER A 649 3.92 -15.20 2.13
C SER A 649 3.58 -14.38 3.38
N GLY A 650 3.44 -13.06 3.20
CA GLY A 650 3.19 -12.11 4.30
C GLY A 650 2.05 -11.18 3.95
N HIS A 651 2.21 -9.87 4.15
CA HIS A 651 1.11 -8.88 4.08
C HIS A 651 0.52 -8.73 2.66
N GLY A 652 1.34 -8.83 1.61
CA GLY A 652 0.92 -8.52 0.22
C GLY A 652 0.59 -9.75 -0.60
N GLY A 653 0.50 -10.93 0.05
CA GLY A 653 0.18 -12.23 -0.58
C GLY A 653 1.35 -12.77 -1.41
N LYS A 654 1.05 -13.71 -2.29
CA LYS A 654 2.01 -14.40 -3.19
C LYS A 654 2.74 -13.38 -4.11
N SER A 655 4.07 -13.47 -4.18
CA SER A 655 4.95 -12.73 -5.12
C SER A 655 4.91 -13.45 -6.46
N GLY A 656 5.22 -12.72 -7.53
CA GLY A 656 5.18 -13.28 -8.89
C GLY A 656 4.03 -12.73 -9.69
N ARG A 657 4.35 -12.36 -10.92
CA ARG A 657 3.43 -11.79 -11.95
C ARG A 657 2.22 -12.71 -12.16
N PHE A 658 2.44 -14.03 -12.22
CA PHE A 658 1.38 -15.04 -12.50
C PHE A 658 0.90 -15.69 -11.19
N LYS A 659 1.81 -16.11 -10.32
CA LYS A 659 1.52 -16.70 -8.98
C LYS A 659 0.49 -15.87 -8.19
N ALA A 660 0.57 -14.54 -8.21
CA ALA A 660 -0.36 -13.65 -7.48
C ALA A 660 -1.80 -13.99 -7.87
N TYR A 661 -2.02 -14.39 -9.12
CA TYR A 661 -3.39 -14.65 -9.64
C TYR A 661 -3.95 -15.95 -9.04
N GLU A 662 -3.12 -16.80 -8.41
CA GLU A 662 -3.60 -18.01 -7.69
C GLU A 662 -4.47 -17.55 -6.51
N ASP A 663 -4.05 -16.52 -5.78
CA ASP A 663 -4.79 -15.97 -4.63
C ASP A 663 -6.10 -15.32 -5.13
N ILE A 664 -6.05 -14.57 -6.23
CA ILE A 664 -7.22 -13.83 -6.78
C ILE A 664 -8.25 -14.83 -7.34
N ALA A 665 -7.80 -15.82 -8.11
CA ALA A 665 -8.64 -16.94 -8.62
C ALA A 665 -9.34 -17.65 -7.44
N LEU A 666 -8.60 -18.02 -6.38
CA LEU A 666 -9.21 -18.68 -5.19
C LEU A 666 -10.28 -17.76 -4.60
N GLU A 667 -9.97 -16.49 -4.42
CA GLU A 667 -10.92 -15.52 -3.83
C GLU A 667 -12.14 -15.44 -4.74
N TYR A 668 -11.94 -15.13 -6.03
CA TYR A 668 -13.03 -14.88 -7.00
C TYR A 668 -13.88 -16.14 -7.18
N ALA A 669 -13.32 -17.36 -7.11
CA ALA A 669 -14.09 -18.60 -7.30
C ALA A 669 -15.06 -18.77 -6.12
N PHE A 670 -14.54 -18.51 -4.91
CA PHE A 670 -15.31 -18.50 -3.67
C PHE A 670 -16.53 -17.58 -3.85
N ILE A 671 -16.33 -16.38 -4.40
CA ILE A 671 -17.43 -15.38 -4.56
C ILE A 671 -18.39 -15.84 -5.67
N LEU A 672 -17.84 -16.30 -6.81
CA LEU A 672 -18.65 -16.67 -8.00
C LEU A 672 -19.54 -17.86 -7.67
N ALA A 673 -19.07 -18.82 -6.86
CA ALA A 673 -19.87 -20.00 -6.47
C ALA A 673 -21.07 -19.50 -5.65
N LEU A 674 -20.89 -18.48 -4.81
CA LEU A 674 -22.01 -17.93 -3.99
C LEU A 674 -22.95 -17.11 -4.86
N ALA A 675 -22.53 -16.67 -6.04
CA ALA A 675 -23.32 -15.82 -6.96
C ALA A 675 -24.02 -16.69 -8.02
N GLU A 676 -23.80 -18.01 -8.01
CA GLU A 676 -24.57 -18.95 -8.86
C GLU A 676 -25.98 -19.13 -8.28
#